data_1M21
#
_entry.id   1M21
#
_cell.length_a   74.598
_cell.length_b   62.559
_cell.length_c   102.382
_cell.angle_alpha   90.00
_cell.angle_beta   90.00
_cell.angle_gamma   90.00
#
_symmetry.space_group_name_H-M   'P 1 21 1'
#
loop_
_entity.id
_entity.type
_entity.pdbx_description
1 polymer 'Peptide Amidase'
2 polymer CHYMOSTATIN
3 water water
#
loop_
_entity_poly.entity_id
_entity_poly.type
_entity_poly.pdbx_seq_one_letter_code
_entity_poly.pdbx_strand_id
1 'polypeptide(L)'
;SRNVPFPYAETDVADLQARMTAGELDSTTLTQAYLQRIAALDRTGPRLRAVIELNPDALKEAAERDRERRDGRLRGPLHG
IPLLLKDNINAAPMATSAGSLALQGFRPDDAYLVRRLRDAGAVVLGKTNLSEWANFRGNDSISGWSARGGQTRNPYRISH
SPCGSSSGSAVAVAANLASVAIGTETDGSIVCPAAINGVVGLKPTVGLVSRDGIIPISFSQDTAGPMARSVADAAAVLTA
IAGRDDADPATATMPGRAVYDYTARLDPQGLRGKRIGLLQTPLLKYRGMPPLIEQAATELRRAGAVVVPVELPNQGAWAE
AERTLLLYEFKAGLERYFNTHRAPLRSLADLIAFNQAHSKQELGLFGQELLVEADATAGLADPAYIRARSDARRLAGPEG
IDAALAAHQLDALVAPTTGVAWPIRSEGDDFPGESYSAAAVAGYPSLTVPMGQIDGLPVGLLFMGTAWSEPKLIEMAYAY
EQRTRARRPPHFDTDALIDAGEP
;
A,B
2 'polypeptide(L)' F(CSI)L(PHA) C,D
#
loop_
_chem_comp.id
_chem_comp.type
_chem_comp.name
_chem_comp.formula
CSI non-polymer 'AMINO-(2-IMINO-HEXAHYDRO-PYRIMIDIN-4-YL)-ACETIC ACID' 'C7 H12 N4 O4'
#
# COMPACT_ATOMS: atom_id res chain seq x y z
N PHE A 6 34.25 -6.17 8.51
CA PHE A 6 35.07 -5.07 7.92
C PHE A 6 35.61 -4.19 9.04
N PRO A 7 36.93 -4.11 9.17
CA PRO A 7 37.61 -3.31 10.20
C PRO A 7 37.31 -1.82 10.19
N TYR A 8 36.85 -1.28 9.06
CA TYR A 8 36.57 0.14 8.96
C TYR A 8 35.09 0.44 8.80
N ALA A 9 34.25 -0.57 9.03
CA ALA A 9 32.82 -0.39 8.92
C ALA A 9 32.32 0.65 9.91
N GLU A 10 31.48 1.58 9.42
CA GLU A 10 30.89 2.62 10.24
C GLU A 10 31.89 3.51 10.98
N THR A 11 33.10 3.62 10.46
CA THR A 11 34.11 4.47 11.10
C THR A 11 34.09 5.85 10.46
N ASP A 12 33.96 6.88 11.30
CA ASP A 12 33.91 8.26 10.83
C ASP A 12 35.22 8.76 10.24
N VAL A 13 35.13 9.76 9.36
CA VAL A 13 36.29 10.36 8.72
C VAL A 13 37.31 10.82 9.76
N ALA A 14 36.85 11.53 10.77
CA ALA A 14 37.73 12.04 11.82
C ALA A 14 38.45 10.90 12.53
N ASP A 15 37.76 9.78 12.73
CA ASP A 15 38.36 8.64 13.38
C ASP A 15 39.42 8.00 12.49
N LEU A 16 39.12 7.90 11.19
CA LEU A 16 40.09 7.33 10.25
C LEU A 16 41.32 8.23 10.18
N GLN A 17 41.09 9.54 10.18
CA GLN A 17 42.18 10.51 10.12
C GLN A 17 43.03 10.41 11.38
N ALA A 18 42.37 10.25 12.53
CA ALA A 18 43.09 10.13 13.79
C ALA A 18 43.97 8.88 13.78
N ARG A 19 43.45 7.79 13.22
CA ARG A 19 44.20 6.53 13.14
C ARG A 19 45.42 6.67 12.25
N MET A 20 45.25 7.32 11.10
CA MET A 20 46.37 7.51 10.17
C MET A 20 47.40 8.46 10.77
N THR A 21 46.91 9.46 11.50
CA THR A 21 47.77 10.45 12.12
C THR A 21 48.60 9.83 13.25
N ALA A 22 48.06 8.80 13.89
CA ALA A 22 48.75 8.11 14.97
C ALA A 22 49.69 7.05 14.41
N GLY A 23 49.62 6.85 13.09
CA GLY A 23 50.47 5.87 12.45
C GLY A 23 50.00 4.43 12.60
N GLU A 24 48.71 4.24 12.87
CA GLU A 24 48.14 2.91 13.04
C GLU A 24 47.41 2.46 11.79
N LEU A 25 47.39 3.34 10.79
CA LEU A 25 46.71 3.07 9.53
C LEU A 25 47.23 4.01 8.46
N ASP A 26 47.37 3.52 7.23
CA ASP A 26 47.81 4.38 6.15
C ASP A 26 46.79 4.37 5.02
N SER A 27 46.88 5.35 4.13
CA SER A 27 45.94 5.48 3.04
C SER A 27 45.89 4.27 2.10
N THR A 28 47.05 3.69 1.78
CA THR A 28 47.06 2.54 0.88
C THR A 28 46.30 1.35 1.46
N THR A 29 46.44 1.12 2.76
CA THR A 29 45.75 0.01 3.42
C THR A 29 44.24 0.23 3.37
N LEU A 30 43.82 1.44 3.73
CA LEU A 30 42.40 1.80 3.72
C LEU A 30 41.83 1.71 2.30
N THR A 31 42.58 2.26 1.35
CA THR A 31 42.16 2.25 -0.04
C THR A 31 42.04 0.84 -0.58
N GLN A 32 43.03 0.00 -0.32
CA GLN A 32 42.96 -1.37 -0.82
C GLN A 32 41.86 -2.16 -0.13
N ALA A 33 41.55 -1.80 1.12
CA ALA A 33 40.49 -2.48 1.85
C ALA A 33 39.15 -2.21 1.18
N TYR A 34 38.90 -0.95 0.82
CA TYR A 34 37.65 -0.61 0.16
C TYR A 34 37.56 -1.28 -1.22
N LEU A 35 38.67 -1.31 -1.94
CA LEU A 35 38.68 -1.91 -3.27
C LEU A 35 38.35 -3.40 -3.18
N GLN A 36 38.87 -4.06 -2.15
CA GLN A 36 38.61 -5.48 -1.98
C GLN A 36 37.14 -5.69 -1.64
N ARG A 37 36.57 -4.77 -0.87
CA ARG A 37 35.16 -4.88 -0.50
C ARG A 37 34.28 -4.62 -1.70
N ILE A 38 34.69 -3.67 -2.55
CA ILE A 38 33.93 -3.35 -3.75
C ILE A 38 33.89 -4.59 -4.63
N ALA A 39 35.02 -5.28 -4.75
CA ALA A 39 35.08 -6.49 -5.56
C ALA A 39 34.15 -7.57 -5.04
N ALA A 40 34.08 -7.71 -3.72
CA ALA A 40 33.26 -8.74 -3.08
C ALA A 40 31.75 -8.48 -2.97
N LEU A 41 31.33 -7.23 -2.97
CA LEU A 41 29.90 -6.91 -2.83
C LEU A 41 29.27 -6.19 -4.01
N ASP A 42 30.08 -5.46 -4.76
CA ASP A 42 29.56 -4.70 -5.89
C ASP A 42 29.57 -5.45 -7.20
N ARG A 43 30.66 -6.13 -7.50
CA ARG A 43 30.79 -6.89 -8.73
C ARG A 43 30.30 -8.33 -8.57
N THR A 44 30.48 -8.87 -7.37
CA THR A 44 30.04 -10.24 -7.08
C THR A 44 29.14 -10.26 -5.85
N GLY A 45 28.84 -11.46 -5.36
CA GLY A 45 27.98 -11.58 -4.19
C GLY A 45 26.62 -10.98 -4.45
N PRO A 46 26.17 -10.01 -3.61
CA PRO A 46 24.86 -9.39 -3.82
C PRO A 46 24.80 -8.57 -5.11
N ARG A 47 25.98 -8.33 -5.70
CA ARG A 47 26.08 -7.56 -6.94
C ARG A 47 25.33 -6.23 -6.85
N LEU A 48 25.77 -5.38 -5.92
CA LEU A 48 25.12 -4.07 -5.73
C LEU A 48 25.26 -3.14 -6.94
N ARG A 49 26.31 -3.34 -7.72
CA ARG A 49 26.56 -2.52 -8.91
C ARG A 49 26.49 -1.03 -8.61
N ALA A 50 27.05 -0.63 -7.47
CA ALA A 50 27.06 0.77 -7.09
C ALA A 50 28.22 1.53 -7.75
N VAL A 51 29.29 0.81 -8.07
CA VAL A 51 30.48 1.40 -8.68
C VAL A 51 30.54 1.11 -10.18
N ILE A 52 30.49 2.17 -10.98
CA ILE A 52 30.50 2.05 -12.43
C ILE A 52 31.91 1.95 -13.05
N GLU A 53 32.90 2.58 -12.42
CA GLU A 53 34.26 2.52 -12.90
C GLU A 53 35.25 2.77 -11.77
N LEU A 54 36.32 1.98 -11.73
CA LEU A 54 37.33 2.16 -10.70
C LEU A 54 38.42 3.08 -11.23
N ASN A 55 38.99 3.88 -10.33
CA ASN A 55 40.06 4.78 -10.72
C ASN A 55 41.34 3.98 -10.78
N PRO A 56 41.91 3.83 -11.99
CA PRO A 56 43.16 3.05 -12.13
C PRO A 56 44.31 3.61 -11.29
N ASP A 57 44.26 4.90 -10.98
CA ASP A 57 45.31 5.53 -10.19
C ASP A 57 45.01 5.67 -8.71
N ALA A 58 43.97 4.99 -8.23
CA ALA A 58 43.60 5.07 -6.81
C ALA A 58 44.76 4.69 -5.89
N LEU A 59 45.39 3.56 -6.18
CA LEU A 59 46.50 3.11 -5.35
C LEU A 59 47.68 4.08 -5.42
N LYS A 60 47.93 4.60 -6.62
CA LYS A 60 49.02 5.54 -6.83
C LYS A 60 48.77 6.79 -5.98
N GLU A 61 47.54 7.27 -6.00
CA GLU A 61 47.15 8.45 -5.23
C GLU A 61 47.33 8.21 -3.73
N ALA A 62 46.80 7.08 -3.25
CA ALA A 62 46.90 6.76 -1.84
C ALA A 62 48.36 6.67 -1.41
N ALA A 63 49.19 6.07 -2.26
CA ALA A 63 50.61 5.94 -1.96
C ALA A 63 51.30 7.29 -1.89
N GLU A 64 50.87 8.22 -2.74
CA GLU A 64 51.46 9.55 -2.74
C GLU A 64 51.05 10.30 -1.47
N ARG A 65 49.80 10.14 -1.05
CA ARG A 65 49.33 10.79 0.18
C ARG A 65 50.10 10.23 1.39
N ASP A 66 50.45 8.95 1.35
CA ASP A 66 51.18 8.37 2.47
C ASP A 66 52.62 8.89 2.49
N ARG A 67 53.23 9.05 1.32
CA ARG A 67 54.59 9.58 1.24
C ARG A 67 54.60 11.01 1.76
N GLU A 68 53.58 11.78 1.43
CA GLU A 68 53.48 13.17 1.88
C GLU A 68 53.35 13.20 3.40
N ARG A 69 52.58 12.27 3.95
CA ARG A 69 52.38 12.20 5.39
C ARG A 69 53.70 11.85 6.09
N ARG A 70 54.44 10.91 5.51
CA ARG A 70 55.72 10.51 6.10
C ARG A 70 56.73 11.64 6.00
N ASP A 71 56.51 12.56 5.07
CA ASP A 71 57.39 13.70 4.87
C ASP A 71 56.89 14.90 5.68
N GLY A 72 55.76 14.72 6.37
CA GLY A 72 55.21 15.78 7.18
C GLY A 72 54.50 16.89 6.42
N ARG A 73 53.89 16.55 5.28
CA ARG A 73 53.17 17.53 4.47
C ARG A 73 51.69 17.17 4.35
N LEU A 74 50.96 17.29 5.45
CA LEU A 74 49.53 16.97 5.47
C LEU A 74 48.69 18.07 4.83
N ARG A 75 47.68 17.66 4.07
CA ARG A 75 46.82 18.61 3.37
C ARG A 75 45.58 19.03 4.15
N GLY A 76 45.24 18.28 5.19
CA GLY A 76 44.07 18.63 5.98
C GLY A 76 43.28 17.44 6.49
N PRO A 77 42.06 17.67 6.99
CA PRO A 77 41.17 16.64 7.54
C PRO A 77 40.87 15.45 6.63
N LEU A 78 40.92 15.65 5.32
CA LEU A 78 40.61 14.58 4.39
C LEU A 78 41.83 13.90 3.78
N HIS A 79 43.02 14.24 4.28
CA HIS A 79 44.26 13.67 3.76
C HIS A 79 44.27 12.15 3.80
N GLY A 80 44.27 11.54 2.61
CA GLY A 80 44.30 10.08 2.52
C GLY A 80 42.97 9.36 2.62
N ILE A 81 41.89 10.11 2.70
CA ILE A 81 40.53 9.54 2.82
C ILE A 81 39.97 9.19 1.45
N PRO A 82 39.59 7.92 1.24
CA PRO A 82 39.04 7.44 -0.03
C PRO A 82 37.56 7.79 -0.19
N LEU A 83 37.19 8.29 -1.36
CA LEU A 83 35.80 8.64 -1.62
C LEU A 83 35.37 8.25 -3.03
N LEU A 84 34.08 8.29 -3.29
CA LEU A 84 33.54 7.95 -4.60
C LEU A 84 32.77 9.15 -5.17
N LEU A 85 32.72 9.24 -6.49
CA LEU A 85 32.05 10.34 -7.17
C LEU A 85 30.97 9.87 -8.14
N LYS A 86 29.80 10.49 -8.10
CA LYS A 86 28.71 10.16 -9.02
C LYS A 86 29.26 10.31 -10.44
N ASP A 87 28.87 9.43 -11.36
CA ASP A 87 29.41 9.48 -12.71
C ASP A 87 28.98 10.60 -13.66
N ASN A 88 28.48 11.71 -13.13
CA ASN A 88 28.17 12.84 -13.98
C ASN A 88 29.15 13.97 -13.63
N ILE A 89 30.08 13.65 -12.73
CA ILE A 89 31.10 14.60 -12.30
C ILE A 89 32.44 14.26 -12.98
N ASN A 90 33.00 15.23 -13.70
CA ASN A 90 34.28 15.04 -14.40
C ASN A 90 35.40 14.70 -13.43
N ALA A 91 36.16 13.66 -13.74
CA ALA A 91 37.28 13.27 -12.89
C ALA A 91 38.25 12.39 -13.66
N ALA A 92 39.39 12.97 -14.03
CA ALA A 92 40.42 12.24 -14.77
C ALA A 92 41.08 11.23 -13.85
N PRO A 93 41.57 10.11 -14.39
CA PRO A 93 41.56 9.72 -15.81
C PRO A 93 40.39 8.81 -16.18
N MET A 94 39.34 8.84 -15.37
CA MET A 94 38.16 8.01 -15.63
C MET A 94 37.22 8.68 -16.61
N ALA A 95 36.33 7.89 -17.20
CA ALA A 95 35.37 8.45 -18.13
C ALA A 95 34.25 9.09 -17.30
N THR A 96 33.51 9.99 -17.92
CA THR A 96 32.36 10.65 -17.28
C THR A 96 31.26 10.41 -18.28
N SER A 97 30.43 9.40 -18.03
CA SER A 97 29.38 9.01 -18.97
C SER A 97 27.94 9.32 -18.61
N ALA A 98 27.68 9.68 -17.36
CA ALA A 98 26.32 9.92 -16.90
C ALA A 98 25.56 8.60 -17.09
N GLY A 99 26.32 7.50 -17.13
CA GLY A 99 25.73 6.18 -17.30
C GLY A 99 25.40 5.77 -18.72
N SER A 100 25.66 6.66 -19.68
CA SER A 100 25.35 6.42 -21.08
C SER A 100 26.49 5.77 -21.88
N LEU A 101 26.13 4.94 -22.86
CA LEU A 101 27.13 4.31 -23.71
C LEU A 101 27.70 5.35 -24.67
N ALA A 102 26.96 6.43 -24.86
CA ALA A 102 27.39 7.50 -25.77
C ALA A 102 28.70 8.17 -25.32
N LEU A 103 28.94 8.19 -24.00
CA LEU A 103 30.13 8.80 -23.44
C LEU A 103 31.08 7.81 -22.77
N GLN A 104 31.03 6.56 -23.19
CA GLN A 104 31.90 5.53 -22.62
C GLN A 104 33.39 5.83 -22.68
N GLY A 105 33.83 6.50 -23.75
CA GLY A 105 35.24 6.81 -23.89
C GLY A 105 35.57 8.28 -23.72
N PHE A 106 34.65 9.01 -23.11
CA PHE A 106 34.83 10.44 -22.87
C PHE A 106 35.46 10.62 -21.50
N ARG A 107 36.68 11.15 -21.48
CA ARG A 107 37.40 11.32 -20.22
C ARG A 107 37.91 12.75 -20.01
N PRO A 108 37.01 13.67 -19.64
CA PRO A 108 37.38 15.07 -19.43
C PRO A 108 38.18 15.28 -18.14
N ASP A 109 38.76 16.47 -18.00
CA ASP A 109 39.55 16.83 -16.82
C ASP A 109 38.68 17.07 -15.60
N ASP A 110 39.31 17.04 -14.43
CA ASP A 110 38.63 17.23 -13.14
C ASP A 110 37.70 18.43 -13.00
N ALA A 111 36.55 18.19 -12.40
CA ALA A 111 35.59 19.25 -12.14
C ALA A 111 36.18 20.07 -11.00
N TYR A 112 35.73 21.31 -10.83
CA TYR A 112 36.26 22.17 -9.78
C TYR A 112 36.23 21.52 -8.38
N LEU A 113 35.10 20.93 -8.01
CA LEU A 113 35.00 20.31 -6.69
C LEU A 113 35.96 19.13 -6.52
N VAL A 114 36.23 18.42 -7.62
CA VAL A 114 37.14 17.29 -7.57
C VAL A 114 38.56 17.84 -7.38
N ARG A 115 38.87 18.95 -8.02
CA ARG A 115 40.19 19.55 -7.85
C ARG A 115 40.35 19.97 -6.38
N ARG A 116 39.29 20.49 -5.78
CA ARG A 116 39.35 20.89 -4.37
C ARG A 116 39.52 19.68 -3.45
N LEU A 117 38.86 18.58 -3.77
CA LEU A 117 38.97 17.37 -2.95
C LEU A 117 40.37 16.77 -3.04
N ARG A 118 40.94 16.78 -4.24
CA ARG A 118 42.26 16.23 -4.42
C ARG A 118 43.29 17.11 -3.73
N ASP A 119 43.08 18.42 -3.75
CA ASP A 119 43.99 19.33 -3.09
C ASP A 119 43.89 19.15 -1.58
N ALA A 120 42.72 18.71 -1.12
CA ALA A 120 42.50 18.47 0.30
C ALA A 120 43.12 17.12 0.69
N GLY A 121 43.62 16.40 -0.30
CA GLY A 121 44.27 15.12 -0.04
C GLY A 121 43.41 13.88 -0.13
N ALA A 122 42.16 14.03 -0.60
CA ALA A 122 41.28 12.88 -0.71
C ALA A 122 41.74 11.96 -1.85
N VAL A 123 41.42 10.68 -1.73
CA VAL A 123 41.77 9.69 -2.74
C VAL A 123 40.49 9.30 -3.48
N VAL A 124 40.48 9.42 -4.81
CA VAL A 124 39.28 9.05 -5.57
C VAL A 124 39.34 7.57 -5.94
N LEU A 125 38.43 6.80 -5.36
CA LEU A 125 38.38 5.36 -5.60
C LEU A 125 37.79 5.05 -6.97
N GLY A 126 36.83 5.85 -7.39
CA GLY A 126 36.20 5.64 -8.68
C GLY A 126 34.90 6.40 -8.80
N LYS A 127 34.07 5.97 -9.74
CA LYS A 127 32.78 6.60 -10.02
C LYS A 127 31.61 5.68 -9.68
N THR A 128 30.51 6.26 -9.22
CA THR A 128 29.34 5.47 -8.88
C THR A 128 28.25 5.55 -9.94
N ASN A 129 27.47 4.48 -10.03
CA ASN A 129 26.38 4.40 -10.99
C ASN A 129 25.27 5.39 -10.62
N LEU A 130 24.43 5.71 -11.59
CA LEU A 130 23.35 6.66 -11.39
C LEU A 130 22.27 6.37 -12.42
N SER A 131 21.07 6.88 -12.19
CA SER A 131 20.00 6.73 -13.17
C SER A 131 20.60 7.44 -14.38
N GLU A 132 20.53 6.82 -15.56
CA GLU A 132 21.13 7.42 -16.75
C GLU A 132 20.70 8.87 -16.98
N TRP A 133 21.67 9.73 -17.29
CA TRP A 133 21.44 11.15 -17.52
C TRP A 133 20.76 11.79 -16.30
N ALA A 134 21.11 11.28 -15.12
CA ALA A 134 20.55 11.77 -13.86
C ALA A 134 19.04 11.69 -13.91
N ASN A 135 18.53 10.64 -14.54
CA ASN A 135 17.11 10.39 -14.65
C ASN A 135 16.31 11.40 -15.46
N PHE A 136 17.00 12.18 -16.29
CA PHE A 136 16.29 13.15 -17.12
C PHE A 136 16.32 12.66 -18.57
N ARG A 137 15.89 11.41 -18.78
CA ARG A 137 15.90 10.86 -20.14
C ARG A 137 14.52 10.46 -20.66
N GLY A 138 13.78 9.66 -19.88
CA GLY A 138 12.47 9.24 -20.35
C GLY A 138 11.38 9.08 -19.29
N ASN A 139 10.16 8.80 -19.74
CA ASN A 139 9.02 8.60 -18.84
C ASN A 139 9.05 7.17 -18.28
N ASP A 140 8.47 6.98 -17.10
CA ASP A 140 8.43 5.67 -16.47
C ASP A 140 9.82 5.04 -16.37
N SER A 141 10.80 5.86 -16.03
CA SER A 141 12.17 5.37 -15.91
C SER A 141 12.35 4.54 -14.66
N ILE A 142 13.45 3.78 -14.61
CA ILE A 142 13.77 2.93 -13.48
C ILE A 142 14.97 3.56 -12.76
N SER A 143 14.78 3.99 -11.52
CA SER A 143 15.87 4.60 -10.76
C SER A 143 17.02 3.64 -10.54
N GLY A 144 18.24 4.16 -10.65
CA GLY A 144 19.41 3.35 -10.42
C GLY A 144 19.88 2.55 -11.63
N TRP A 145 19.19 2.70 -12.76
CA TRP A 145 19.59 1.98 -13.98
C TRP A 145 20.26 2.85 -15.02
N SER A 146 21.30 2.32 -15.64
CA SER A 146 22.01 3.01 -16.72
C SER A 146 22.47 1.92 -17.67
N ALA A 147 22.64 2.26 -18.94
CA ALA A 147 23.08 1.27 -19.92
C ALA A 147 24.49 0.79 -19.63
N ARG A 148 25.34 1.70 -19.19
CA ARG A 148 26.73 1.37 -18.91
C ARG A 148 26.95 0.70 -17.55
N GLY A 149 26.19 1.10 -16.54
CA GLY A 149 26.38 0.53 -15.22
C GLY A 149 25.40 -0.53 -14.77
N GLY A 150 24.33 -0.73 -15.54
CA GLY A 150 23.35 -1.73 -15.16
C GLY A 150 22.46 -1.22 -14.04
N GLN A 151 21.91 -2.15 -13.26
CA GLN A 151 21.01 -1.82 -12.17
C GLN A 151 21.62 -1.84 -10.78
N THR A 152 21.69 -0.67 -10.15
CA THR A 152 22.20 -0.58 -8.79
C THR A 152 21.09 -1.10 -7.89
N ARG A 153 21.45 -1.82 -6.83
CA ARG A 153 20.45 -2.39 -5.93
C ARG A 153 20.57 -1.88 -4.51
N ASN A 154 19.44 -1.84 -3.80
CA ASN A 154 19.43 -1.39 -2.41
C ASN A 154 20.07 -2.50 -1.56
N PRO A 155 21.10 -2.16 -0.77
CA PRO A 155 21.79 -3.15 0.07
C PRO A 155 20.96 -3.74 1.21
N TYR A 156 19.89 -3.06 1.62
CA TYR A 156 19.04 -3.56 2.70
C TYR A 156 18.11 -4.67 2.22
N ARG A 157 17.88 -4.72 0.92
CA ARG A 157 17.04 -5.73 0.28
C ARG A 157 17.32 -5.56 -1.20
N ILE A 158 18.21 -6.40 -1.73
CA ILE A 158 18.63 -6.28 -3.13
C ILE A 158 17.59 -6.34 -4.24
N SER A 159 16.36 -6.72 -3.90
CA SER A 159 15.28 -6.79 -4.88
C SER A 159 14.63 -5.41 -4.99
N HIS A 160 14.95 -4.54 -4.05
CA HIS A 160 14.35 -3.21 -4.00
C HIS A 160 15.20 -2.07 -4.54
N SER A 161 14.53 -0.97 -4.83
CA SER A 161 15.16 0.21 -5.41
C SER A 161 16.08 1.01 -4.50
N PRO A 162 17.20 1.50 -5.07
CA PRO A 162 18.16 2.32 -4.30
C PRO A 162 17.71 3.77 -4.49
N CYS A 163 16.63 3.94 -5.25
CA CYS A 163 16.10 5.26 -5.56
C CYS A 163 17.18 5.98 -6.37
N GLY A 164 17.14 7.30 -6.34
CA GLY A 164 18.14 8.13 -7.12
C GLY A 164 17.65 9.49 -7.26
N SER A 165 18.77 9.90 -8.41
CA SER A 165 19.69 9.57 -9.51
C SER A 165 20.98 9.18 -8.82
N SER A 166 21.31 9.80 -7.67
CA SER A 166 22.56 9.45 -6.96
C SER A 166 22.52 8.07 -6.29
N SER A 167 22.06 7.08 -7.05
CA SER A 167 21.90 5.71 -6.55
C SER A 167 23.17 5.05 -6.02
N GLY A 168 24.18 4.95 -6.87
CA GLY A 168 25.44 4.32 -6.49
C GLY A 168 26.15 4.99 -5.33
N SER A 169 26.09 6.31 -5.26
CA SER A 169 26.75 7.02 -4.16
C SER A 169 26.12 6.67 -2.82
N ALA A 170 24.80 6.65 -2.75
CA ALA A 170 24.10 6.32 -1.52
C ALA A 170 24.37 4.87 -1.12
N VAL A 171 24.28 3.96 -2.09
CA VAL A 171 24.50 2.55 -1.81
C VAL A 171 25.93 2.28 -1.38
N ALA A 172 26.89 2.92 -2.05
CA ALA A 172 28.31 2.72 -1.72
C ALA A 172 28.58 3.14 -0.28
N VAL A 173 28.02 4.28 0.11
CA VAL A 173 28.21 4.76 1.48
C VAL A 173 27.56 3.83 2.49
N ALA A 174 26.34 3.41 2.20
CA ALA A 174 25.61 2.52 3.10
C ALA A 174 26.28 1.16 3.25
N ALA A 175 26.91 0.70 2.17
CA ALA A 175 27.57 -0.59 2.18
C ALA A 175 29.04 -0.52 2.55
N ASN A 176 29.50 0.65 2.98
CA ASN A 176 30.90 0.87 3.35
C ASN A 176 31.88 0.53 2.24
N LEU A 177 31.59 0.99 1.02
CA LEU A 177 32.48 0.75 -0.11
C LEU A 177 33.48 1.90 -0.23
N ALA A 178 33.27 2.95 0.58
CA ALA A 178 34.16 4.10 0.61
C ALA A 178 33.84 4.87 1.89
N SER A 179 34.68 5.83 2.25
CA SER A 179 34.46 6.61 3.45
C SER A 179 33.28 7.54 3.26
N VAL A 180 33.28 8.27 2.15
CA VAL A 180 32.21 9.20 1.82
C VAL A 180 32.02 9.25 0.31
N ALA A 181 30.96 9.91 -0.15
CA ALA A 181 30.72 10.02 -1.58
C ALA A 181 30.09 11.36 -1.94
N ILE A 182 30.14 11.69 -3.22
CA ILE A 182 29.55 12.94 -3.70
C ILE A 182 28.42 12.59 -4.67
N GLY A 183 27.28 13.24 -4.48
CA GLY A 183 26.16 13.03 -5.38
C GLY A 183 25.73 14.38 -5.93
N THR A 184 24.66 14.40 -6.72
CA THR A 184 24.15 15.66 -7.25
C THR A 184 22.63 15.62 -7.16
N GLU A 185 22.01 16.79 -6.99
CA GLU A 185 20.56 16.84 -6.92
C GLU A 185 20.01 17.98 -7.76
N THR A 186 18.86 17.74 -8.37
CA THR A 186 18.14 18.74 -9.16
C THR A 186 16.78 18.80 -8.46
N ASP A 187 16.26 17.63 -8.10
CA ASP A 187 15.00 17.52 -7.36
C ASP A 187 14.89 16.15 -6.69
N GLY A 188 15.48 16.03 -5.50
CA GLY A 188 15.44 14.79 -4.75
C GLY A 188 16.57 13.79 -4.93
N SER A 189 17.43 14.03 -5.91
CA SER A 189 18.52 13.09 -6.19
C SER A 189 19.60 12.85 -5.16
N ILE A 190 19.66 13.67 -4.12
CA ILE A 190 20.64 13.43 -3.07
C ILE A 190 19.90 12.92 -1.84
N VAL A 191 18.89 13.66 -1.40
CA VAL A 191 18.17 13.28 -0.20
C VAL A 191 17.30 12.03 -0.29
N CYS A 192 16.70 11.77 -1.45
CA CYS A 192 15.86 10.58 -1.55
C CYS A 192 16.70 9.31 -1.51
N PRO A 193 17.73 9.18 -2.36
CA PRO A 193 18.51 7.94 -2.26
C PRO A 193 19.22 7.84 -0.90
N ALA A 194 19.59 8.99 -0.32
CA ALA A 194 20.23 8.97 0.99
C ALA A 194 19.28 8.34 2.02
N ALA A 195 18.04 8.83 2.06
CA ALA A 195 17.07 8.31 3.02
C ALA A 195 16.74 6.84 2.75
N ILE A 196 16.51 6.52 1.48
CA ILE A 196 16.16 5.16 1.05
C ILE A 196 17.24 4.13 1.41
N ASN A 197 18.50 4.57 1.47
CA ASN A 197 19.61 3.69 1.81
C ASN A 197 20.20 3.89 3.19
N GLY A 198 19.46 4.56 4.08
CA GLY A 198 19.89 4.75 5.44
C GLY A 198 21.15 5.55 5.73
N VAL A 199 21.41 6.58 4.94
CA VAL A 199 22.59 7.41 5.18
C VAL A 199 22.23 8.88 5.19
N VAL A 200 23.25 9.71 5.45
CA VAL A 200 23.07 11.14 5.49
C VAL A 200 23.32 11.75 4.12
N GLY A 201 22.44 12.65 3.71
CA GLY A 201 22.58 13.30 2.43
C GLY A 201 22.36 14.78 2.65
N LEU A 202 23.24 15.61 2.08
CA LEU A 202 23.11 17.05 2.25
C LEU A 202 23.10 17.75 0.89
N LYS A 203 22.01 18.48 0.61
CA LYS A 203 21.91 19.23 -0.63
C LYS A 203 22.08 20.69 -0.23
N PRO A 204 23.22 21.30 -0.56
CA PRO A 204 23.37 22.70 -0.15
C PRO A 204 22.60 23.71 -0.99
N THR A 205 22.68 24.96 -0.53
CA THR A 205 22.04 26.08 -1.23
C THR A 205 22.71 26.13 -2.60
N VAL A 206 21.94 26.42 -3.64
CA VAL A 206 22.54 26.52 -4.97
C VAL A 206 23.48 27.71 -4.96
N GLY A 207 24.76 27.46 -5.25
CA GLY A 207 25.73 28.52 -5.25
C GLY A 207 26.85 28.29 -4.25
N LEU A 208 26.62 27.38 -3.30
CA LEU A 208 27.64 27.09 -2.30
C LEU A 208 28.77 26.27 -2.89
N VAL A 209 28.43 25.30 -3.74
CA VAL A 209 29.41 24.42 -4.36
C VAL A 209 29.35 24.55 -5.88
N SER A 210 30.51 24.75 -6.50
CA SER A 210 30.56 24.89 -7.96
C SER A 210 30.00 23.70 -8.73
N ARG A 211 29.24 23.98 -9.78
CA ARG A 211 28.66 22.93 -10.63
C ARG A 211 29.54 22.75 -11.87
N ASP A 212 30.67 23.45 -11.91
CA ASP A 212 31.55 23.35 -13.07
C ASP A 212 32.10 21.94 -13.21
N GLY A 213 32.08 21.40 -14.42
CA GLY A 213 32.59 20.06 -14.64
C GLY A 213 31.62 18.95 -14.31
N ILE A 214 30.33 19.29 -14.21
CA ILE A 214 29.31 18.29 -13.92
C ILE A 214 28.29 18.29 -15.07
N ILE A 215 27.91 17.10 -15.55
CA ILE A 215 26.92 17.02 -16.62
C ILE A 215 25.66 17.55 -15.96
N PRO A 216 25.09 18.63 -16.49
CA PRO A 216 23.90 19.23 -15.90
C PRO A 216 22.52 18.80 -16.32
N ILE A 217 21.57 19.43 -15.67
CA ILE A 217 20.15 19.31 -15.95
C ILE A 217 19.67 20.75 -15.87
N SER A 218 19.82 21.36 -14.68
CA SER A 218 19.36 22.73 -14.45
C SER A 218 20.32 23.63 -13.70
N PHE A 219 20.73 24.76 -14.30
CA PHE A 219 21.63 25.64 -13.58
C PHE A 219 20.91 26.37 -12.45
N SER A 220 19.57 26.36 -12.49
CA SER A 220 18.78 27.00 -11.44
C SER A 220 18.64 26.15 -10.16
N GLN A 221 18.62 24.82 -10.32
CA GLN A 221 18.45 23.93 -9.17
C GLN A 221 19.58 22.94 -8.87
N ASP A 222 20.45 22.72 -9.85
CA ASP A 222 21.56 21.76 -9.70
C ASP A 222 22.59 22.07 -8.61
N THR A 223 23.07 21.03 -7.95
CA THR A 223 24.14 21.17 -6.96
C THR A 223 24.67 19.82 -6.54
N ALA A 224 25.97 19.77 -6.29
CA ALA A 224 26.61 18.56 -5.82
C ALA A 224 26.47 18.61 -4.30
N GLY A 225 26.58 17.47 -3.66
CA GLY A 225 26.44 17.43 -2.21
C GLY A 225 27.04 16.17 -1.64
N PRO A 226 27.42 16.19 -0.36
CA PRO A 226 28.01 15.00 0.26
C PRO A 226 26.99 13.97 0.71
N MET A 227 27.41 12.71 0.68
CA MET A 227 26.61 11.59 1.12
C MET A 227 27.56 10.83 2.05
N ALA A 228 27.09 10.56 3.26
CA ALA A 228 27.94 9.89 4.24
C ALA A 228 27.11 9.17 5.29
N ARG A 229 27.77 8.36 6.10
CA ARG A 229 27.03 7.63 7.11
C ARG A 229 26.73 8.48 8.33
N SER A 230 27.44 9.59 8.48
CA SER A 230 27.24 10.48 9.62
C SER A 230 27.22 11.95 9.21
N VAL A 231 26.60 12.79 10.04
CA VAL A 231 26.54 14.22 9.76
C VAL A 231 27.94 14.81 9.82
N ALA A 232 28.76 14.31 10.76
CA ALA A 232 30.12 14.83 10.88
C ALA A 232 30.91 14.59 9.61
N ASP A 233 30.76 13.42 8.99
CA ASP A 233 31.48 13.14 7.76
C ASP A 233 30.97 14.03 6.62
N ALA A 234 29.66 14.25 6.57
CA ALA A 234 29.08 15.10 5.54
C ALA A 234 29.63 16.53 5.67
N ALA A 235 29.76 16.99 6.92
CA ALA A 235 30.26 18.34 7.19
C ALA A 235 31.72 18.50 6.78
N ALA A 236 32.50 17.45 6.95
CA ALA A 236 33.91 17.50 6.58
C ALA A 236 34.03 17.63 5.06
N VAL A 237 33.20 16.90 4.34
CA VAL A 237 33.23 16.96 2.88
C VAL A 237 32.76 18.32 2.38
N LEU A 238 31.70 18.86 2.99
CA LEU A 238 31.18 20.15 2.57
C LEU A 238 32.25 21.22 2.74
N THR A 239 32.99 21.15 3.84
CA THR A 239 34.05 22.13 4.11
C THR A 239 35.08 22.13 2.98
N ALA A 240 35.34 20.95 2.43
CA ALA A 240 36.32 20.83 1.36
C ALA A 240 35.85 21.27 -0.03
N ILE A 241 34.59 21.03 -0.36
CA ILE A 241 34.09 21.38 -1.69
C ILE A 241 33.44 22.75 -1.85
N ALA A 242 33.05 23.39 -0.75
CA ALA A 242 32.41 24.70 -0.86
C ALA A 242 33.42 25.76 -1.26
N GLY A 243 33.00 26.70 -2.10
CA GLY A 243 33.90 27.76 -2.51
C GLY A 243 33.54 28.43 -3.81
N ARG A 244 33.98 29.67 -3.98
CA ARG A 244 33.70 30.42 -5.19
C ARG A 244 34.55 29.92 -6.36
N ASP A 245 33.94 29.88 -7.55
CA ASP A 245 34.60 29.44 -8.77
C ASP A 245 34.13 30.37 -9.88
N ASP A 246 35.09 31.00 -10.57
CA ASP A 246 34.74 31.93 -11.64
C ASP A 246 33.96 31.27 -12.76
N ALA A 247 34.14 29.96 -12.93
CA ALA A 247 33.45 29.24 -13.99
C ALA A 247 31.96 28.98 -13.68
N ASP A 248 31.55 29.24 -12.44
CA ASP A 248 30.16 29.06 -12.04
C ASP A 248 29.63 30.32 -11.36
N PRO A 249 28.94 31.18 -12.13
CA PRO A 249 28.36 32.44 -11.68
C PRO A 249 27.52 32.34 -10.41
N ALA A 250 26.86 31.19 -10.23
CA ALA A 250 26.02 31.01 -9.05
C ALA A 250 26.81 31.13 -7.75
N THR A 251 28.09 30.75 -7.79
CA THR A 251 28.92 30.80 -6.59
C THR A 251 29.33 32.21 -6.19
N ALA A 252 29.08 33.19 -7.05
CA ALA A 252 29.44 34.57 -6.74
C ALA A 252 28.30 35.29 -6.02
N THR A 253 27.16 34.60 -5.90
CA THR A 253 25.98 35.19 -5.26
C THR A 253 25.91 34.92 -3.76
N MET A 254 26.89 34.20 -3.22
CA MET A 254 26.88 33.91 -1.79
C MET A 254 27.29 35.09 -0.92
N PRO A 255 26.42 35.47 0.03
CA PRO A 255 26.65 36.58 0.96
C PRO A 255 27.67 36.24 2.03
N GLY A 256 28.70 37.08 2.15
CA GLY A 256 29.73 36.88 3.14
C GLY A 256 30.36 35.50 3.15
N ARG A 257 30.84 35.05 2.00
CA ARG A 257 31.49 33.73 1.93
C ARG A 257 32.86 33.81 2.56
N ALA A 258 33.23 32.78 3.30
CA ALA A 258 34.53 32.74 3.95
C ALA A 258 34.99 31.30 4.10
N VAL A 259 36.27 31.13 4.44
CA VAL A 259 36.83 29.80 4.63
C VAL A 259 36.15 29.28 5.89
N TYR A 260 34.99 28.68 5.71
CA TYR A 260 34.20 28.17 6.83
C TYR A 260 34.39 26.69 7.13
N ASP A 261 34.64 26.38 8.41
CA ASP A 261 34.81 24.99 8.83
C ASP A 261 33.49 24.52 9.40
N TYR A 262 32.73 23.77 8.60
CA TYR A 262 31.44 23.27 9.02
C TYR A 262 31.52 22.26 10.15
N THR A 263 32.69 21.68 10.41
CA THR A 263 32.78 20.70 11.49
C THR A 263 32.71 21.41 12.84
N ALA A 264 32.90 22.74 12.81
CA ALA A 264 32.82 23.53 14.03
C ALA A 264 31.37 23.65 14.48
N ARG A 265 30.45 23.30 13.58
CA ARG A 265 29.01 23.38 13.87
C ARG A 265 28.43 22.08 14.41
N LEU A 266 29.30 21.10 14.67
CA LEU A 266 28.84 19.83 15.22
C LEU A 266 28.64 19.99 16.71
N ASP A 267 27.53 20.63 17.08
CA ASP A 267 27.19 20.92 18.46
C ASP A 267 26.13 19.96 19.02
N PRO A 268 26.49 19.15 20.04
CA PRO A 268 25.53 18.22 20.62
C PRO A 268 24.34 18.92 21.27
N GLN A 269 24.48 20.22 21.52
CA GLN A 269 23.39 21.00 22.09
C GLN A 269 22.79 21.91 21.02
N GLY A 270 23.00 21.51 19.76
CA GLY A 270 22.51 22.30 18.64
C GLY A 270 21.01 22.52 18.49
N LEU A 271 20.20 21.78 19.23
CA LEU A 271 18.74 21.95 19.14
C LEU A 271 18.18 22.85 20.24
N ARG A 272 19.00 23.16 21.23
CA ARG A 272 18.57 24.01 22.34
C ARG A 272 18.19 25.41 21.88
N GLY A 273 16.95 25.80 22.16
CA GLY A 273 16.48 27.12 21.78
C GLY A 273 16.00 27.24 20.34
N LYS A 274 16.06 26.15 19.57
CA LYS A 274 15.64 26.19 18.18
C LYS A 274 14.12 26.03 18.09
N ARG A 275 13.57 26.49 16.97
CA ARG A 275 12.14 26.39 16.71
C ARG A 275 12.01 25.66 15.37
N ILE A 276 11.31 24.52 15.40
CA ILE A 276 11.14 23.67 14.24
C ILE A 276 9.69 23.46 13.85
N GLY A 277 9.42 23.50 12.55
CA GLY A 277 8.08 23.27 12.07
C GLY A 277 7.98 21.88 11.46
N LEU A 278 7.04 21.06 11.97
CA LEU A 278 6.84 19.71 11.43
C LEU A 278 5.82 19.83 10.31
N LEU A 279 6.26 19.58 9.08
CA LEU A 279 5.38 19.69 7.92
C LEU A 279 4.23 18.69 7.95
N GLN A 280 3.03 19.18 7.67
CA GLN A 280 1.84 18.34 7.68
C GLN A 280 1.52 17.80 6.29
N THR A 281 2.22 16.75 5.89
CA THR A 281 1.96 16.15 4.59
C THR A 281 1.46 14.72 4.79
N PRO A 282 0.83 14.15 3.75
CA PRO A 282 0.32 12.78 3.80
C PRO A 282 1.37 11.75 4.18
N LEU A 283 2.64 12.15 4.05
CA LEU A 283 3.75 11.26 4.37
C LEU A 283 3.75 10.91 5.86
N LEU A 284 3.13 11.74 6.68
CA LEU A 284 3.07 11.47 8.12
C LEU A 284 2.18 10.26 8.39
N LYS A 285 1.31 9.96 7.44
CA LYS A 285 0.38 8.84 7.57
C LYS A 285 0.78 7.60 6.76
N TYR A 286 1.96 7.67 6.16
CA TYR A 286 2.47 6.54 5.38
C TYR A 286 2.52 5.33 6.32
N ARG A 287 2.18 4.15 5.80
CA ARG A 287 2.16 2.95 6.64
C ARG A 287 3.44 2.73 7.45
N GLY A 288 3.31 2.72 8.77
CA GLY A 288 4.44 2.51 9.66
C GLY A 288 5.21 3.77 10.03
N MET A 289 4.82 4.90 9.46
CA MET A 289 5.49 6.17 9.70
C MET A 289 5.12 6.89 11.00
N PRO A 290 3.83 6.89 11.38
CA PRO A 290 3.41 7.57 12.62
C PRO A 290 4.29 7.39 13.84
N PRO A 291 4.59 6.14 14.21
CA PRO A 291 5.43 5.89 15.39
C PRO A 291 6.82 6.51 15.27
N LEU A 292 7.40 6.42 14.07
CA LEU A 292 8.73 6.96 13.81
C LEU A 292 8.81 8.47 13.87
N ILE A 293 7.87 9.15 13.21
CA ILE A 293 7.88 10.60 13.19
C ILE A 293 7.47 11.16 14.55
N GLU A 294 6.65 10.41 15.27
CA GLU A 294 6.20 10.82 16.59
C GLU A 294 7.40 10.79 17.54
N GLN A 295 8.19 9.72 17.45
CA GLN A 295 9.37 9.57 18.29
C GLN A 295 10.40 10.64 17.94
N ALA A 296 10.52 10.95 16.66
CA ALA A 296 11.48 11.95 16.20
C ALA A 296 11.13 13.32 16.77
N ALA A 297 9.84 13.66 16.74
CA ALA A 297 9.39 14.95 17.26
C ALA A 297 9.72 15.01 18.76
N THR A 298 9.48 13.89 19.44
CA THR A 298 9.77 13.82 20.87
C THR A 298 11.26 14.03 21.14
N GLU A 299 12.12 13.39 20.34
CA GLU A 299 13.56 13.55 20.55
C GLU A 299 13.96 15.01 20.37
N LEU A 300 13.38 15.66 19.35
CA LEU A 300 13.69 17.06 19.08
C LEU A 300 13.25 17.95 20.24
N ARG A 301 12.09 17.67 20.81
CA ARG A 301 11.59 18.46 21.93
C ARG A 301 12.43 18.25 23.19
N ARG A 302 12.80 17.01 23.46
CA ARG A 302 13.61 16.69 24.62
C ARG A 302 15.00 17.29 24.49
N ALA A 303 15.41 17.57 23.26
CA ALA A 303 16.72 18.15 22.97
C ALA A 303 16.70 19.65 23.22
N GLY A 304 15.52 20.20 23.45
CA GLY A 304 15.40 21.62 23.71
C GLY A 304 14.77 22.43 22.61
N ALA A 305 14.27 21.78 21.57
CA ALA A 305 13.65 22.52 20.48
C ALA A 305 12.14 22.60 20.63
N VAL A 306 11.55 23.65 20.07
CA VAL A 306 10.11 23.79 20.09
C VAL A 306 9.68 23.22 18.74
N VAL A 307 8.72 22.31 18.75
CA VAL A 307 8.25 21.70 17.51
C VAL A 307 6.78 22.01 17.33
N VAL A 308 6.45 22.68 16.22
CA VAL A 308 5.05 23.03 15.95
C VAL A 308 4.61 22.54 14.59
N PRO A 309 3.36 22.06 14.49
CA PRO A 309 2.84 21.58 13.21
C PRO A 309 2.58 22.75 12.27
N VAL A 310 3.07 22.64 11.04
CA VAL A 310 2.87 23.71 10.08
C VAL A 310 2.64 23.16 8.69
N GLU A 311 2.01 23.96 7.84
CA GLU A 311 1.76 23.55 6.47
C GLU A 311 2.56 24.47 5.56
N LEU A 312 3.11 23.91 4.50
CA LEU A 312 3.92 24.67 3.56
C LEU A 312 3.02 25.40 2.56
N PRO A 313 3.11 26.74 2.51
CA PRO A 313 2.29 27.50 1.58
C PRO A 313 2.74 27.20 0.15
N ASN A 314 1.79 27.08 -0.76
CA ASN A 314 2.07 26.80 -2.16
C ASN A 314 2.68 25.42 -2.44
N GLN A 315 2.48 24.47 -1.53
CA GLN A 315 3.02 23.13 -1.71
C GLN A 315 2.62 22.58 -3.08
N GLY A 316 3.63 22.30 -3.91
CA GLY A 316 3.38 21.76 -5.24
C GLY A 316 2.92 22.72 -6.32
N ALA A 317 2.65 23.98 -5.95
CA ALA A 317 2.17 24.97 -6.91
C ALA A 317 3.17 25.28 -8.02
N TRP A 318 4.43 24.94 -7.79
CA TRP A 318 5.51 25.20 -8.74
C TRP A 318 5.69 24.07 -9.76
N ALA A 319 4.91 23.01 -9.63
CA ALA A 319 5.03 21.85 -10.51
C ALA A 319 5.18 22.18 -12.00
N GLU A 320 4.21 22.90 -12.55
CA GLU A 320 4.24 23.27 -13.96
C GLU A 320 5.45 24.12 -14.34
N ALA A 321 5.73 25.13 -13.54
CA ALA A 321 6.86 26.01 -13.81
C ALA A 321 8.19 25.24 -13.78
N GLU A 322 8.31 24.31 -12.84
CA GLU A 322 9.54 23.53 -12.72
C GLU A 322 9.74 22.66 -13.96
N ARG A 323 8.67 22.04 -14.45
CA ARG A 323 8.78 21.19 -15.62
C ARG A 323 9.33 22.00 -16.79
N THR A 324 8.76 23.18 -17.00
CA THR A 324 9.21 24.05 -18.08
C THR A 324 10.67 24.47 -17.94
N LEU A 325 11.05 24.97 -16.76
CA LEU A 325 12.42 25.42 -16.59
C LEU A 325 13.45 24.31 -16.74
N LEU A 326 13.12 23.10 -16.29
CA LEU A 326 14.06 22.00 -16.40
C LEU A 326 14.29 21.58 -17.86
N LEU A 327 13.21 21.53 -18.64
CA LEU A 327 13.34 21.15 -20.04
C LEU A 327 14.17 22.16 -20.82
N TYR A 328 13.92 23.44 -20.60
CA TYR A 328 14.67 24.48 -21.29
C TYR A 328 16.12 24.51 -20.85
N GLU A 329 16.35 24.44 -19.55
CA GLU A 329 17.71 24.46 -19.03
C GLU A 329 18.52 23.22 -19.36
N PHE A 330 17.87 22.08 -19.49
CA PHE A 330 18.58 20.84 -19.81
C PHE A 330 19.20 20.92 -21.19
N LYS A 331 18.44 21.36 -22.19
CA LYS A 331 18.98 21.47 -23.54
C LYS A 331 20.12 22.48 -23.58
N ALA A 332 19.88 23.67 -23.03
CA ALA A 332 20.89 24.72 -23.03
C ALA A 332 22.16 24.30 -22.30
N GLY A 333 21.99 23.75 -21.11
CA GLY A 333 23.14 23.34 -20.31
C GLY A 333 23.92 22.16 -20.84
N LEU A 334 23.21 21.15 -21.34
CA LEU A 334 23.88 19.97 -21.86
C LEU A 334 24.71 20.32 -23.10
N GLU A 335 24.14 21.13 -23.97
CA GLU A 335 24.87 21.50 -25.18
C GLU A 335 26.07 22.36 -24.84
N ARG A 336 25.94 23.21 -23.81
CA ARG A 336 27.07 24.05 -23.41
C ARG A 336 28.16 23.15 -22.83
N TYR A 337 27.74 22.15 -22.05
CA TYR A 337 28.69 21.22 -21.45
C TYR A 337 29.41 20.43 -22.53
N PHE A 338 28.67 19.92 -23.52
CA PHE A 338 29.29 19.14 -24.60
C PHE A 338 30.36 19.95 -25.33
N ASN A 339 30.07 21.24 -25.56
CA ASN A 339 31.00 22.10 -26.27
C ASN A 339 32.22 22.47 -25.42
N THR A 340 31.96 22.85 -24.17
CA THR A 340 33.00 23.25 -23.24
C THR A 340 34.05 22.15 -23.04
N HIS A 341 33.58 20.90 -22.92
CA HIS A 341 34.50 19.79 -22.69
C HIS A 341 34.77 18.94 -23.92
N ARG A 342 34.38 19.45 -25.08
CA ARG A 342 34.58 18.79 -26.36
C ARG A 342 34.21 17.29 -26.34
N ALA A 343 32.97 17.01 -25.98
CA ALA A 343 32.48 15.64 -25.94
C ALA A 343 32.30 15.10 -27.36
N PRO A 344 32.17 13.76 -27.50
CA PRO A 344 31.99 13.15 -28.82
C PRO A 344 30.63 13.49 -29.42
N LEU A 345 29.73 14.00 -28.58
CA LEU A 345 28.40 14.42 -29.01
C LEU A 345 28.38 15.92 -28.79
N ARG A 346 27.76 16.67 -29.70
CA ARG A 346 27.74 18.12 -29.54
C ARG A 346 26.35 18.73 -29.45
N SER A 347 25.32 17.89 -29.51
CA SER A 347 23.97 18.39 -29.43
C SER A 347 23.07 17.34 -28.82
N LEU A 348 21.91 17.78 -28.35
CA LEU A 348 20.95 16.86 -27.76
C LEU A 348 20.42 16.00 -28.90
N ALA A 349 20.34 16.59 -30.10
CA ALA A 349 19.87 15.84 -31.26
C ALA A 349 20.77 14.64 -31.52
N ASP A 350 22.09 14.83 -31.34
CA ASP A 350 23.06 13.76 -31.53
C ASP A 350 22.83 12.62 -30.54
N LEU A 351 22.48 12.98 -29.30
CA LEU A 351 22.24 11.98 -28.27
C LEU A 351 20.98 11.18 -28.58
N ILE A 352 19.93 11.89 -28.99
CA ILE A 352 18.69 11.23 -29.34
C ILE A 352 18.95 10.25 -30.48
N ALA A 353 19.74 10.70 -31.47
CA ALA A 353 20.07 9.85 -32.62
C ALA A 353 20.88 8.64 -32.17
N PHE A 354 21.83 8.85 -31.28
CA PHE A 354 22.66 7.74 -30.78
C PHE A 354 21.81 6.67 -30.10
N ASN A 355 20.90 7.09 -29.24
CA ASN A 355 20.07 6.13 -28.53
C ASN A 355 19.20 5.33 -29.49
N GLN A 356 18.73 5.98 -30.54
CA GLN A 356 17.89 5.29 -31.53
C GLN A 356 18.73 4.26 -32.27
N ALA A 357 19.97 4.63 -32.61
CA ALA A 357 20.88 3.73 -33.32
C ALA A 357 21.28 2.55 -32.45
N HIS A 358 21.26 2.73 -31.13
CA HIS A 358 21.61 1.67 -30.20
C HIS A 358 20.42 1.36 -29.31
N SER A 359 19.23 1.38 -29.90
CA SER A 359 17.99 1.13 -29.17
C SER A 359 17.99 -0.16 -28.36
N LYS A 360 18.67 -1.19 -28.85
CA LYS A 360 18.73 -2.46 -28.15
C LYS A 360 19.35 -2.33 -26.75
N GLN A 361 20.42 -1.56 -26.64
CA GLN A 361 21.10 -1.38 -25.36
C GLN A 361 20.60 -0.20 -24.54
N GLU A 362 20.14 0.84 -25.21
CA GLU A 362 19.68 2.05 -24.53
C GLU A 362 18.21 2.23 -24.27
N LEU A 363 17.36 1.77 -25.19
CA LEU A 363 15.91 1.96 -25.04
C LEU A 363 15.10 0.69 -24.81
N GLY A 364 15.73 -0.34 -24.25
CA GLY A 364 15.03 -1.59 -24.01
C GLY A 364 14.08 -1.59 -22.81
N LEU A 365 14.40 -0.80 -21.79
CA LEU A 365 13.56 -0.73 -20.59
C LEU A 365 12.53 0.39 -20.67
N PHE A 366 12.96 1.56 -21.11
CA PHE A 366 12.07 2.72 -21.27
C PHE A 366 12.63 3.65 -22.33
N GLY A 367 11.85 4.65 -22.72
CA GLY A 367 12.28 5.55 -23.77
C GLY A 367 13.14 6.75 -23.43
N GLN A 368 13.07 7.76 -24.29
CA GLN A 368 13.84 8.98 -24.10
C GLN A 368 12.98 10.21 -24.39
N GLU A 369 11.74 10.16 -23.93
CA GLU A 369 10.78 11.25 -24.14
C GLU A 369 11.19 12.60 -23.57
N LEU A 370 11.93 12.60 -22.46
CA LEU A 370 12.36 13.88 -21.89
C LEU A 370 13.41 14.52 -22.78
N LEU A 371 14.30 13.71 -23.34
CA LEU A 371 15.33 14.23 -24.23
C LEU A 371 14.64 14.84 -25.46
N VAL A 372 13.65 14.13 -25.97
CA VAL A 372 12.91 14.58 -27.15
C VAL A 372 12.17 15.88 -26.90
N GLU A 373 11.49 15.99 -25.76
CA GLU A 373 10.78 17.23 -25.46
C GLU A 373 11.77 18.37 -25.23
N ALA A 374 12.86 18.10 -24.52
CA ALA A 374 13.86 19.13 -24.25
C ALA A 374 14.44 19.69 -25.55
N ASP A 375 14.70 18.82 -26.52
CA ASP A 375 15.29 19.27 -27.77
C ASP A 375 14.41 20.23 -28.57
N ALA A 376 13.12 20.22 -28.27
CA ALA A 376 12.18 21.08 -28.98
C ALA A 376 11.98 22.45 -28.33
N THR A 377 12.61 22.69 -27.17
CA THR A 377 12.44 23.98 -26.49
C THR A 377 13.06 25.13 -27.29
N ALA A 378 12.43 26.30 -27.18
CA ALA A 378 12.84 27.50 -27.91
C ALA A 378 14.06 28.27 -27.40
N GLY A 379 14.63 27.88 -26.27
CA GLY A 379 15.79 28.61 -25.79
C GLY A 379 15.51 29.45 -24.56
N LEU A 380 16.58 29.93 -23.92
CA LEU A 380 16.47 30.71 -22.71
C LEU A 380 15.95 32.14 -22.85
N ALA A 381 15.71 32.60 -24.07
CA ALA A 381 15.21 33.95 -24.27
C ALA A 381 13.67 33.94 -24.34
N ASP A 382 13.10 32.74 -24.36
CA ASP A 382 11.65 32.59 -24.43
C ASP A 382 11.00 33.18 -23.19
N PRO A 383 10.03 34.09 -23.37
CA PRO A 383 9.33 34.73 -22.24
C PRO A 383 8.70 33.70 -21.29
N ALA A 384 8.20 32.60 -21.86
CA ALA A 384 7.56 31.55 -21.08
C ALA A 384 8.56 30.92 -20.12
N TYR A 385 9.78 30.69 -20.58
CA TYR A 385 10.81 30.12 -19.75
C TYR A 385 11.18 31.10 -18.65
N ILE A 386 11.41 32.36 -19.03
CA ILE A 386 11.78 33.39 -18.07
C ILE A 386 10.75 33.49 -16.94
N ARG A 387 9.47 33.48 -17.31
CA ARG A 387 8.41 33.55 -16.32
C ARG A 387 8.38 32.29 -15.45
N ALA A 388 8.60 31.14 -16.06
CA ALA A 388 8.60 29.87 -15.33
C ALA A 388 9.73 29.81 -14.32
N ARG A 389 10.93 30.24 -14.73
CA ARG A 389 12.08 30.23 -13.85
C ARG A 389 11.80 31.08 -12.63
N SER A 390 11.27 32.27 -12.87
CA SER A 390 10.96 33.20 -11.79
C SER A 390 9.85 32.69 -10.87
N ASP A 391 8.77 32.17 -11.46
CA ASP A 391 7.65 31.67 -10.67
C ASP A 391 8.03 30.50 -9.76
N ALA A 392 8.78 29.55 -10.29
CA ALA A 392 9.18 28.38 -9.52
C ALA A 392 9.97 28.77 -8.28
N ARG A 393 10.97 29.61 -8.47
CA ARG A 393 11.83 30.06 -7.39
C ARG A 393 11.03 30.83 -6.33
N ARG A 394 10.13 31.70 -6.80
CA ARG A 394 9.31 32.51 -5.89
C ARG A 394 8.32 31.67 -5.08
N LEU A 395 7.65 30.74 -5.74
CA LEU A 395 6.66 29.89 -5.09
C LEU A 395 7.23 28.94 -4.04
N ALA A 396 8.39 28.39 -4.32
CA ALA A 396 9.03 27.43 -3.39
C ALA A 396 9.86 28.09 -2.30
N GLY A 397 10.43 29.26 -2.61
CA GLY A 397 11.28 29.94 -1.64
C GLY A 397 10.58 31.03 -0.85
N PRO A 398 10.66 32.29 -1.31
CA PRO A 398 10.03 33.42 -0.63
C PRO A 398 8.58 33.22 -0.18
N GLU A 399 7.76 32.65 -1.06
CA GLU A 399 6.36 32.42 -0.74
C GLU A 399 6.05 30.98 -0.32
N GLY A 400 7.10 30.18 -0.15
CA GLY A 400 6.92 28.80 0.24
C GLY A 400 7.63 28.51 1.55
N ILE A 401 8.86 28.02 1.46
CA ILE A 401 9.64 27.70 2.65
C ILE A 401 9.78 28.92 3.55
N ASP A 402 10.16 30.05 2.96
CA ASP A 402 10.35 31.26 3.75
C ASP A 402 9.07 31.73 4.43
N ALA A 403 7.93 31.60 3.75
CA ALA A 403 6.67 32.03 4.34
C ALA A 403 6.36 31.15 5.55
N ALA A 404 6.66 29.86 5.45
CA ALA A 404 6.41 28.94 6.55
C ALA A 404 7.33 29.26 7.73
N LEU A 405 8.60 29.50 7.44
CA LEU A 405 9.56 29.81 8.50
C LEU A 405 9.19 31.11 9.22
N ALA A 406 8.78 32.11 8.44
CA ALA A 406 8.42 33.41 9.00
C ALA A 406 7.14 33.39 9.84
N ALA A 407 6.17 32.60 9.40
CA ALA A 407 4.87 32.51 10.07
C ALA A 407 4.95 32.11 11.55
N HIS A 408 5.93 31.29 11.91
CA HIS A 408 6.09 30.86 13.30
C HIS A 408 7.51 31.08 13.79
N GLN A 409 8.23 31.99 13.13
CA GLN A 409 9.63 32.30 13.46
C GLN A 409 10.42 31.03 13.70
N LEU A 410 10.49 30.21 12.65
CA LEU A 410 11.18 28.92 12.71
C LEU A 410 12.60 28.95 12.16
N ASP A 411 13.41 28.00 12.64
CA ASP A 411 14.78 27.86 12.21
C ASP A 411 14.88 26.82 11.09
N ALA A 412 13.92 25.92 11.03
CA ALA A 412 13.91 24.88 10.02
C ALA A 412 12.57 24.16 9.98
N LEU A 413 12.37 23.41 8.90
CA LEU A 413 11.16 22.61 8.72
C LEU A 413 11.64 21.18 8.66
N VAL A 414 10.88 20.26 9.23
CA VAL A 414 11.27 18.85 9.20
C VAL A 414 10.10 18.00 8.76
N ALA A 415 10.41 16.82 8.23
CA ALA A 415 9.37 15.90 7.78
C ALA A 415 10.04 14.62 7.33
N PRO A 416 9.26 13.54 7.20
CA PRO A 416 9.86 12.29 6.74
C PRO A 416 10.34 12.64 5.33
N THR A 417 11.52 12.15 4.94
CA THR A 417 12.05 12.48 3.61
C THR A 417 11.21 11.91 2.48
N THR A 418 10.86 10.63 2.59
CA THR A 418 10.08 9.93 1.59
C THR A 418 9.62 8.62 2.23
N GLY A 419 9.05 7.72 1.45
CA GLY A 419 8.62 6.45 1.98
C GLY A 419 9.77 5.47 1.88
N VAL A 420 9.48 4.17 1.96
CA VAL A 420 10.54 3.17 1.87
C VAL A 420 10.78 2.68 0.45
N ALA A 421 11.89 1.97 0.27
CA ALA A 421 12.25 1.42 -1.03
C ALA A 421 11.14 0.51 -1.55
N TRP A 422 10.99 0.50 -2.86
CA TRP A 422 9.98 -0.31 -3.53
C TRP A 422 10.66 -1.37 -4.39
N PRO A 423 9.95 -2.46 -4.72
CA PRO A 423 10.59 -3.47 -5.55
C PRO A 423 10.90 -2.95 -6.95
N ILE A 424 12.09 -3.26 -7.45
CA ILE A 424 12.50 -2.84 -8.78
C ILE A 424 11.71 -3.67 -9.78
N ARG A 425 11.00 -3.01 -10.69
CA ARG A 425 10.21 -3.73 -11.69
C ARG A 425 10.29 -3.08 -13.07
N SER A 426 9.95 -3.85 -14.10
CA SER A 426 9.98 -3.35 -15.48
C SER A 426 9.27 -2.01 -15.60
N GLU A 427 8.19 -1.86 -14.85
CA GLU A 427 7.39 -0.64 -14.84
C GLU A 427 8.20 0.49 -14.21
N GLY A 428 7.70 1.72 -14.32
CA GLY A 428 8.40 2.85 -13.74
C GLY A 428 8.49 2.74 -12.22
N ASP A 429 9.19 3.69 -11.60
CA ASP A 429 9.33 3.68 -10.14
C ASP A 429 7.97 3.82 -9.49
N ASP A 430 7.82 3.21 -8.32
CA ASP A 430 6.58 3.29 -7.55
C ASP A 430 6.83 4.38 -6.50
N PHE A 431 6.88 5.62 -6.97
CA PHE A 431 7.14 6.79 -6.12
C PHE A 431 6.10 6.96 -5.02
N PRO A 432 6.54 6.92 -3.75
CA PRO A 432 5.64 7.07 -2.60
C PRO A 432 5.34 8.51 -2.19
N GLY A 433 6.18 9.45 -2.62
CA GLY A 433 5.97 10.84 -2.27
C GLY A 433 7.23 11.50 -1.76
N GLU A 434 7.16 12.82 -1.55
CA GLU A 434 8.32 13.56 -1.08
C GLU A 434 7.96 14.81 -0.28
N SER A 435 8.96 15.38 0.39
CA SER A 435 8.77 16.59 1.17
C SER A 435 9.98 17.49 0.94
N TYR A 436 10.83 17.08 0.01
CA TYR A 436 12.07 17.80 -0.30
C TYR A 436 12.03 18.66 -1.56
N SER A 437 10.97 18.55 -2.35
CA SER A 437 10.91 19.31 -3.59
C SER A 437 10.95 20.83 -3.40
N ALA A 438 10.34 21.32 -2.34
CA ALA A 438 10.33 22.76 -2.09
C ALA A 438 11.77 23.28 -2.00
N ALA A 439 12.61 22.59 -1.25
CA ALA A 439 14.00 23.00 -1.10
C ALA A 439 14.74 22.95 -2.44
N ALA A 440 14.53 21.88 -3.19
CA ALA A 440 15.17 21.73 -4.49
C ALA A 440 14.80 22.86 -5.44
N VAL A 441 13.51 23.16 -5.56
CA VAL A 441 13.07 24.20 -6.47
C VAL A 441 13.47 25.60 -5.98
N ALA A 442 13.46 25.81 -4.67
CA ALA A 442 13.84 27.10 -4.11
C ALA A 442 15.35 27.32 -4.20
N GLY A 443 16.09 26.23 -4.30
CA GLY A 443 17.54 26.32 -4.35
C GLY A 443 18.06 26.46 -2.93
N TYR A 444 17.24 26.01 -1.98
CA TYR A 444 17.56 26.08 -0.54
C TYR A 444 18.17 24.77 -0.03
N PRO A 445 18.88 24.82 1.11
CA PRO A 445 19.51 23.61 1.65
C PRO A 445 18.55 22.63 2.32
N SER A 446 18.86 21.34 2.17
CA SER A 446 18.08 20.27 2.77
C SER A 446 19.08 19.21 3.21
N LEU A 447 18.72 18.47 4.25
CA LEU A 447 19.62 17.46 4.79
C LEU A 447 18.79 16.36 5.41
N THR A 448 19.07 15.12 5.04
CA THR A 448 18.33 14.00 5.61
C THR A 448 19.24 13.18 6.53
N VAL A 449 18.68 12.74 7.65
CA VAL A 449 19.39 11.94 8.64
C VAL A 449 18.56 10.69 8.94
N PRO A 450 19.22 9.54 9.09
CA PRO A 450 18.49 8.30 9.38
C PRO A 450 17.61 8.46 10.61
N MET A 451 16.35 8.02 10.48
CA MET A 451 15.38 8.13 11.56
C MET A 451 14.88 6.78 12.08
N GLY A 452 15.18 5.72 11.35
CA GLY A 452 14.73 4.41 11.76
C GLY A 452 14.42 3.55 10.55
N GLN A 453 13.63 2.51 10.74
CA GLN A 453 13.27 1.62 9.65
C GLN A 453 11.82 1.15 9.76
N ILE A 454 11.25 0.77 8.62
CA ILE A 454 9.91 0.22 8.56
C ILE A 454 10.09 -1.13 7.87
N ASP A 455 9.87 -2.20 8.61
CA ASP A 455 10.02 -3.56 8.09
C ASP A 455 11.40 -3.81 7.47
N GLY A 456 12.43 -3.30 8.13
CA GLY A 456 13.79 -3.49 7.65
C GLY A 456 14.31 -2.50 6.61
N LEU A 457 13.46 -1.59 6.14
CA LEU A 457 13.87 -0.61 5.15
C LEU A 457 14.02 0.79 5.76
N PRO A 458 15.16 1.45 5.50
CA PRO A 458 15.43 2.79 6.04
C PRO A 458 14.44 3.91 5.71
N VAL A 459 14.25 4.80 6.69
CA VAL A 459 13.40 5.98 6.55
C VAL A 459 14.23 7.12 7.13
N GLY A 460 14.17 8.28 6.50
CA GLY A 460 14.96 9.40 6.98
C GLY A 460 14.16 10.61 7.40
N LEU A 461 14.79 11.46 8.20
CA LEU A 461 14.17 12.69 8.68
C LEU A 461 14.81 13.82 7.88
N LEU A 462 13.98 14.62 7.21
CA LEU A 462 14.49 15.72 6.40
C LEU A 462 14.43 17.04 7.15
N PHE A 463 15.51 17.82 7.02
CA PHE A 463 15.61 19.16 7.61
C PHE A 463 15.77 20.11 6.43
N MET A 464 14.97 21.18 6.37
CA MET A 464 15.07 22.16 5.29
C MET A 464 15.16 23.55 5.91
N GLY A 465 15.93 24.43 5.29
CA GLY A 465 16.05 25.78 5.81
C GLY A 465 16.12 26.80 4.70
N THR A 466 16.27 28.07 5.07
CA THR A 466 16.36 29.11 4.05
C THR A 466 17.76 29.14 3.44
N ALA A 467 17.93 29.93 2.40
CA ALA A 467 19.21 30.05 1.73
C ALA A 467 20.37 30.32 2.69
N TRP A 468 21.46 29.60 2.49
CA TRP A 468 22.69 29.74 3.27
C TRP A 468 22.60 29.34 4.74
N SER A 469 21.59 28.55 5.10
CA SER A 469 21.46 28.13 6.49
C SER A 469 22.14 26.79 6.81
N GLU A 470 23.06 26.36 5.95
CA GLU A 470 23.77 25.09 6.18
C GLU A 470 24.37 24.97 7.59
N PRO A 471 25.00 26.05 8.10
CA PRO A 471 25.57 25.95 9.44
C PRO A 471 24.54 25.55 10.50
N LYS A 472 23.37 26.20 10.44
CA LYS A 472 22.30 25.93 11.38
C LYS A 472 21.69 24.55 11.19
N LEU A 473 21.52 24.13 9.94
CA LEU A 473 20.95 22.82 9.66
C LEU A 473 21.87 21.70 10.14
N ILE A 474 23.17 21.89 9.96
CA ILE A 474 24.13 20.88 10.40
C ILE A 474 24.07 20.75 11.92
N GLU A 475 24.00 21.89 12.62
CA GLU A 475 23.94 21.89 14.08
C GLU A 475 22.73 21.09 14.56
N MET A 476 21.57 21.39 13.99
CA MET A 476 20.34 20.71 14.37
C MET A 476 20.35 19.23 14.01
N ALA A 477 20.79 18.91 12.79
CA ALA A 477 20.84 17.51 12.34
C ALA A 477 21.81 16.70 13.18
N TYR A 478 22.96 17.28 13.49
CA TYR A 478 23.95 16.60 14.32
C TYR A 478 23.42 16.34 15.73
N ALA A 479 22.76 17.33 16.31
CA ALA A 479 22.21 17.18 17.65
C ALA A 479 21.18 16.06 17.67
N TYR A 480 20.35 16.01 16.62
CA TYR A 480 19.34 14.97 16.53
C TYR A 480 19.99 13.60 16.38
N GLU A 481 20.95 13.52 15.46
CA GLU A 481 21.66 12.28 15.19
C GLU A 481 22.35 11.70 16.42
N GLN A 482 23.00 12.57 17.20
CA GLN A 482 23.73 12.14 18.37
C GLN A 482 22.92 11.57 19.52
N ARG A 483 21.63 11.91 19.61
CA ARG A 483 20.84 11.32 20.67
C ARG A 483 19.97 10.17 20.16
N THR A 484 20.00 9.92 18.85
CA THR A 484 19.21 8.84 18.29
C THR A 484 20.07 7.70 17.72
N ARG A 485 21.13 8.07 17.00
CA ARG A 485 22.03 7.08 16.39
C ARG A 485 21.22 5.95 15.76
N ALA A 486 20.24 6.32 14.93
CA ALA A 486 19.34 5.35 14.31
C ALA A 486 19.87 4.54 13.14
N ARG A 487 20.95 4.97 12.50
CA ARG A 487 21.46 4.20 11.38
C ARG A 487 21.88 2.79 11.77
N ARG A 488 21.49 1.84 10.94
CA ARG A 488 21.83 0.44 11.14
C ARG A 488 22.33 -0.01 9.79
N PRO A 489 23.54 -0.59 9.74
CA PRO A 489 24.08 -1.05 8.45
C PRO A 489 23.27 -2.18 7.85
N PRO A 490 23.33 -2.33 6.52
CA PRO A 490 22.57 -3.40 5.87
C PRO A 490 23.22 -4.74 6.20
N HIS A 491 22.40 -5.79 6.28
CA HIS A 491 22.94 -7.12 6.57
C HIS A 491 23.09 -7.91 5.29
N PHE A 492 24.31 -8.37 5.01
CA PHE A 492 24.56 -9.13 3.79
C PHE A 492 24.60 -10.63 4.08
N PHE B 6 -35.32 5.36 -8.77
CA PHE B 6 -34.31 5.63 -7.72
C PHE B 6 -33.02 6.13 -8.38
N PRO B 7 -32.60 7.36 -8.05
CA PRO B 7 -31.38 7.99 -8.59
C PRO B 7 -30.08 7.25 -8.32
N TYR B 8 -30.05 6.39 -7.31
CA TYR B 8 -28.84 5.66 -6.96
C TYR B 8 -28.94 4.17 -7.21
N ALA B 9 -29.99 3.77 -7.93
CA ALA B 9 -30.19 2.37 -8.24
C ALA B 9 -29.01 1.82 -9.05
N GLU B 10 -28.52 0.65 -8.66
CA GLU B 10 -27.43 -0.02 -9.36
C GLU B 10 -26.15 0.80 -9.50
N THR B 11 -25.93 1.76 -8.61
CA THR B 11 -24.73 2.57 -8.68
C THR B 11 -23.65 1.98 -7.78
N ASP B 12 -22.47 1.75 -8.33
CA ASP B 12 -21.36 1.16 -7.60
C ASP B 12 -20.79 2.08 -6.52
N VAL B 13 -20.16 1.47 -5.51
CA VAL B 13 -19.57 2.21 -4.41
C VAL B 13 -18.57 3.26 -4.92
N ALA B 14 -17.70 2.84 -5.84
CA ALA B 14 -16.70 3.75 -6.40
C ALA B 14 -17.35 4.93 -7.09
N ASP B 15 -18.47 4.70 -7.76
CA ASP B 15 -19.20 5.76 -8.45
C ASP B 15 -19.82 6.72 -7.44
N LEU B 16 -20.39 6.18 -6.36
CA LEU B 16 -21.00 7.00 -5.33
C LEU B 16 -19.91 7.84 -4.67
N GLN B 17 -18.76 7.22 -4.43
CA GLN B 17 -17.64 7.91 -3.80
C GLN B 17 -17.14 9.04 -4.71
N ALA B 18 -17.08 8.75 -6.01
CA ALA B 18 -16.62 9.74 -6.98
C ALA B 18 -17.58 10.94 -6.98
N ARG B 19 -18.88 10.66 -6.90
CA ARG B 19 -19.89 11.72 -6.89
C ARG B 19 -19.77 12.60 -5.64
N MET B 20 -19.57 11.97 -4.49
CA MET B 20 -19.43 12.72 -3.24
C MET B 20 -18.14 13.51 -3.23
N THR B 21 -17.09 12.93 -3.81
CA THR B 21 -15.79 13.57 -3.88
C THR B 21 -15.82 14.79 -4.80
N ALA B 22 -16.68 14.75 -5.81
CA ALA B 22 -16.82 15.87 -6.75
C ALA B 22 -17.77 16.92 -6.18
N GLY B 23 -18.38 16.60 -5.05
CA GLY B 23 -19.30 17.54 -4.42
C GLY B 23 -20.68 17.59 -5.05
N GLU B 24 -21.05 16.52 -5.75
CA GLU B 24 -22.37 16.46 -6.40
C GLU B 24 -23.34 15.61 -5.59
N LEU B 25 -22.85 15.09 -4.46
CA LEU B 25 -23.65 14.25 -3.59
C LEU B 25 -23.00 14.18 -2.21
N ASP B 26 -23.82 14.17 -1.16
CA ASP B 26 -23.26 14.05 0.18
C ASP B 26 -23.86 12.85 0.89
N SER B 27 -23.21 12.42 1.95
CA SER B 27 -23.67 11.26 2.69
C SER B 27 -25.08 11.36 3.26
N THR B 28 -25.46 12.52 3.77
CA THR B 28 -26.80 12.67 4.34
C THR B 28 -27.88 12.47 3.28
N THR B 29 -27.66 12.99 2.08
CA THR B 29 -28.62 12.86 1.00
C THR B 29 -28.77 11.38 0.61
N LEU B 30 -27.65 10.71 0.44
CA LEU B 30 -27.64 9.29 0.08
C LEU B 30 -28.29 8.46 1.17
N THR B 31 -27.92 8.74 2.42
CA THR B 31 -28.46 8.02 3.56
C THR B 31 -29.98 8.23 3.69
N GLN B 32 -30.43 9.47 3.57
CA GLN B 32 -31.86 9.71 3.68
C GLN B 32 -32.62 9.09 2.51
N ALA B 33 -31.97 8.99 1.35
CA ALA B 33 -32.60 8.41 0.18
C ALA B 33 -32.87 6.92 0.43
N TYR B 34 -31.87 6.23 0.98
CA TYR B 34 -32.06 4.81 1.28
C TYR B 34 -33.13 4.60 2.35
N LEU B 35 -33.14 5.46 3.36
CA LEU B 35 -34.11 5.34 4.44
C LEU B 35 -35.52 5.52 3.90
N GLN B 36 -35.68 6.44 2.96
CA GLN B 36 -37.00 6.69 2.40
C GLN B 36 -37.43 5.48 1.56
N ARG B 37 -36.46 4.85 0.90
CA ARG B 37 -36.77 3.68 0.08
C ARG B 37 -37.10 2.50 0.98
N ILE B 38 -36.40 2.38 2.10
CA ILE B 38 -36.65 1.29 3.05
C ILE B 38 -38.10 1.42 3.55
N ALA B 39 -38.51 2.65 3.84
CA ALA B 39 -39.86 2.90 4.33
C ALA B 39 -40.91 2.49 3.30
N ALA B 40 -40.64 2.78 2.02
CA ALA B 40 -41.56 2.50 0.94
C ALA B 40 -41.64 1.06 0.42
N LEU B 41 -40.57 0.28 0.60
CA LEU B 41 -40.56 -1.09 0.08
C LEU B 41 -40.42 -2.19 1.13
N ASP B 42 -39.81 -1.84 2.26
CA ASP B 42 -39.57 -2.81 3.31
C ASP B 42 -40.68 -2.90 4.34
N ARG B 43 -41.15 -1.74 4.80
CA ARG B 43 -42.20 -1.68 5.80
C ARG B 43 -43.59 -1.65 5.15
N THR B 44 -43.67 -1.04 3.98
CA THR B 44 -44.94 -0.95 3.25
C THR B 44 -44.78 -1.48 1.83
N GLY B 45 -45.79 -1.26 0.99
CA GLY B 45 -45.72 -1.75 -0.38
C GLY B 45 -45.56 -3.25 -0.43
N PRO B 46 -44.53 -3.76 -1.12
CA PRO B 46 -44.32 -5.21 -1.18
C PRO B 46 -43.97 -5.81 0.18
N ARG B 47 -43.66 -4.95 1.15
CA ARG B 47 -43.32 -5.39 2.50
C ARG B 47 -42.24 -6.46 2.50
N LEU B 48 -41.07 -6.12 1.98
CA LEU B 48 -39.96 -7.06 1.92
C LEU B 48 -39.46 -7.51 3.29
N ARG B 49 -39.66 -6.66 4.30
CA ARG B 49 -39.21 -6.97 5.66
C ARG B 49 -37.75 -7.42 5.71
N ALA B 50 -36.89 -6.76 4.95
CA ALA B 50 -35.48 -7.09 4.92
C ALA B 50 -34.73 -6.42 6.07
N VAL B 51 -35.26 -5.28 6.53
CA VAL B 51 -34.63 -4.51 7.61
C VAL B 51 -35.35 -4.74 8.94
N ILE B 52 -34.63 -5.28 9.92
CA ILE B 52 -35.21 -5.59 11.22
C ILE B 52 -35.18 -4.41 12.21
N GLU B 53 -34.18 -3.54 12.08
CA GLU B 53 -34.07 -2.37 12.96
C GLU B 53 -33.25 -1.27 12.29
N LEU B 54 -33.73 -0.03 12.40
CA LEU B 54 -33.01 1.08 11.81
C LEU B 54 -32.08 1.68 12.86
N ASN B 55 -30.93 2.17 12.42
CA ASN B 55 -29.97 2.78 13.31
C ASN B 55 -30.45 4.19 13.59
N PRO B 56 -30.84 4.48 14.84
CA PRO B 56 -31.31 5.83 15.17
C PRO B 56 -30.28 6.92 14.90
N ASP B 57 -29.00 6.55 14.91
CA ASP B 57 -27.93 7.52 14.68
C ASP B 57 -27.40 7.55 13.24
N ALA B 58 -28.11 6.92 12.31
CA ALA B 58 -27.67 6.88 10.92
C ALA B 58 -27.48 8.28 10.35
N LEU B 59 -28.47 9.15 10.53
CA LEU B 59 -28.37 10.51 10.02
C LEU B 59 -27.23 11.27 10.69
N LYS B 60 -27.06 11.06 11.99
CA LYS B 60 -26.01 11.73 12.75
C LYS B 60 -24.65 11.32 12.19
N GLU B 61 -24.51 10.02 11.93
CA GLU B 61 -23.25 9.49 11.39
C GLU B 61 -22.97 10.08 10.01
N ALA B 62 -23.97 10.06 9.13
CA ALA B 62 -23.81 10.60 7.79
C ALA B 62 -23.42 12.06 7.84
N ALA B 63 -24.05 12.81 8.74
CA ALA B 63 -23.77 14.23 8.88
C ALA B 63 -22.33 14.46 9.35
N GLU B 64 -21.84 13.58 10.21
CA GLU B 64 -20.48 13.71 10.72
C GLU B 64 -19.48 13.41 9.61
N ARG B 65 -19.79 12.41 8.77
CA ARG B 65 -18.90 12.07 7.66
C ARG B 65 -18.86 13.23 6.67
N ASP B 66 -19.97 13.93 6.50
CA ASP B 66 -19.98 15.06 5.58
C ASP B 66 -19.17 16.23 6.13
N ARG B 67 -19.26 16.46 7.44
CA ARG B 67 -18.49 17.53 8.07
C ARG B 67 -16.99 17.24 7.93
N GLU B 68 -16.63 15.97 8.09
CA GLU B 68 -15.24 15.56 7.97
C GLU B 68 -14.75 15.79 6.55
N ARG B 69 -15.61 15.49 5.57
CA ARG B 69 -15.26 15.68 4.17
C ARG B 69 -15.07 17.16 3.87
N ARG B 70 -15.94 18.00 4.41
CA ARG B 70 -15.85 19.43 4.18
C ARG B 70 -14.60 20.00 4.86
N ASP B 71 -14.09 19.29 5.85
CA ASP B 71 -12.91 19.70 6.59
C ASP B 71 -11.65 19.06 5.98
N GLY B 72 -11.86 18.24 4.95
CA GLY B 72 -10.75 17.59 4.28
C GLY B 72 -10.14 16.42 5.02
N ARG B 73 -10.95 15.69 5.78
CA ARG B 73 -10.46 14.54 6.53
C ARG B 73 -11.17 13.25 6.10
N LEU B 74 -10.89 12.81 4.88
CA LEU B 74 -11.50 11.60 4.33
C LEU B 74 -10.88 10.33 4.92
N ARG B 75 -11.72 9.35 5.20
CA ARG B 75 -11.26 8.09 5.79
C ARG B 75 -10.90 7.01 4.79
N GLY B 76 -11.33 7.17 3.54
CA GLY B 76 -11.03 6.17 2.53
C GLY B 76 -12.15 5.94 1.53
N PRO B 77 -12.06 4.86 0.73
CA PRO B 77 -13.03 4.48 -0.30
C PRO B 77 -14.49 4.36 0.17
N LEU B 78 -14.71 4.03 1.44
CA LEU B 78 -16.06 3.86 1.94
C LEU B 78 -16.59 5.06 2.73
N HIS B 79 -15.85 6.16 2.72
CA HIS B 79 -16.26 7.36 3.46
C HIS B 79 -17.66 7.84 3.06
N GLY B 80 -18.59 7.75 4.01
CA GLY B 80 -19.95 8.21 3.76
C GLY B 80 -20.89 7.23 3.06
N ILE B 81 -20.41 6.01 2.82
CA ILE B 81 -21.20 4.97 2.16
C ILE B 81 -22.09 4.22 3.15
N PRO B 82 -23.41 4.23 2.93
CA PRO B 82 -24.38 3.55 3.80
C PRO B 82 -24.45 2.05 3.57
N LEU B 83 -24.44 1.28 4.65
CA LEU B 83 -24.52 -0.17 4.53
C LEU B 83 -25.41 -0.78 5.60
N LEU B 84 -25.77 -2.05 5.43
CA LEU B 84 -26.61 -2.75 6.39
C LEU B 84 -25.86 -3.96 6.95
N LEU B 85 -26.20 -4.35 8.17
CA LEU B 85 -25.56 -5.47 8.86
C LEU B 85 -26.54 -6.55 9.30
N LYS B 86 -26.22 -7.81 9.02
CA LYS B 86 -27.07 -8.93 9.44
C LYS B 86 -27.25 -8.81 10.97
N ASP B 87 -28.45 -9.11 11.47
CA ASP B 87 -28.70 -8.95 12.89
C ASP B 87 -28.07 -9.91 13.90
N ASN B 88 -26.99 -10.59 13.51
CA ASN B 88 -26.28 -11.44 14.47
C ASN B 88 -24.92 -10.79 14.72
N ILE B 89 -24.72 -9.62 14.12
CA ILE B 89 -23.47 -8.86 14.27
C ILE B 89 -23.68 -7.70 15.24
N ASN B 90 -22.89 -7.65 16.30
CA ASN B 90 -23.01 -6.59 17.29
C ASN B 90 -22.76 -5.21 16.68
N ALA B 91 -23.64 -4.26 16.96
CA ALA B 91 -23.47 -2.91 16.45
C ALA B 91 -24.30 -1.93 17.25
N ALA B 92 -23.63 -1.14 18.08
CA ALA B 92 -24.31 -0.15 18.91
C ALA B 92 -24.80 1.00 18.03
N PRO B 93 -25.89 1.67 18.43
CA PRO B 93 -26.71 1.44 19.63
C PRO B 93 -27.92 0.56 19.38
N MET B 94 -27.88 -0.24 18.32
CA MET B 94 -29.00 -1.12 17.99
C MET B 94 -28.90 -2.43 18.75
N ALA B 95 -30.01 -3.15 18.82
CA ALA B 95 -30.00 -4.44 19.50
C ALA B 95 -29.41 -5.46 18.54
N THR B 96 -28.95 -6.58 19.10
CA THR B 96 -28.40 -7.67 18.30
C THR B 96 -29.18 -8.86 18.82
N SER B 97 -30.22 -9.24 18.08
CA SER B 97 -31.11 -10.32 18.51
C SER B 97 -31.05 -11.65 17.81
N ALA B 98 -30.38 -11.71 16.66
CA ALA B 98 -30.32 -12.93 15.87
C ALA B 98 -31.77 -13.27 15.49
N GLY B 99 -32.62 -12.24 15.51
CA GLY B 99 -34.02 -12.40 15.15
C GLY B 99 -34.93 -12.93 16.26
N SER B 100 -34.35 -13.20 17.43
CA SER B 100 -35.09 -13.73 18.57
C SER B 100 -35.68 -12.67 19.51
N LEU B 101 -36.83 -12.98 20.10
CA LEU B 101 -37.46 -12.07 21.04
C LEU B 101 -36.68 -12.09 22.36
N ALA B 102 -35.90 -13.14 22.56
CA ALA B 102 -35.11 -13.30 23.78
C ALA B 102 -34.05 -12.19 23.94
N LEU B 103 -33.57 -11.66 22.81
CA LEU B 103 -32.55 -10.63 22.82
C LEU B 103 -33.03 -9.29 22.26
N GLN B 104 -34.34 -9.04 22.35
CA GLN B 104 -34.92 -7.79 21.85
C GLN B 104 -34.31 -6.53 22.45
N GLY B 105 -33.93 -6.58 23.72
CA GLY B 105 -33.37 -5.41 24.38
C GLY B 105 -31.89 -5.51 24.66
N PHE B 106 -31.23 -6.45 24.00
CA PHE B 106 -29.80 -6.66 24.17
C PHE B 106 -29.05 -5.81 23.14
N ARG B 107 -28.28 -4.84 23.64
CA ARG B 107 -27.56 -3.92 22.76
C ARG B 107 -26.06 -3.86 23.07
N PRO B 108 -25.30 -4.89 22.66
CA PRO B 108 -23.86 -4.93 22.91
C PRO B 108 -23.08 -3.95 22.03
N ASP B 109 -21.81 -3.75 22.37
CA ASP B 109 -20.94 -2.84 21.62
C ASP B 109 -20.52 -3.44 20.28
N ASP B 110 -20.03 -2.57 19.40
CA ASP B 110 -19.62 -2.94 18.04
C ASP B 110 -18.67 -4.13 17.90
N ALA B 111 -18.96 -4.98 16.94
CA ALA B 111 -18.12 -6.13 16.64
C ALA B 111 -16.86 -5.57 15.98
N TYR B 112 -15.78 -6.33 15.98
CA TYR B 112 -14.54 -5.86 15.38
C TYR B 112 -14.70 -5.35 13.94
N LEU B 113 -15.39 -6.11 13.09
CA LEU B 113 -15.56 -5.70 11.70
C LEU B 113 -16.38 -4.44 11.56
N VAL B 114 -17.31 -4.21 12.50
CA VAL B 114 -18.12 -3.01 12.48
C VAL B 114 -17.24 -1.83 12.87
N ARG B 115 -16.35 -2.03 13.83
CA ARG B 115 -15.44 -0.97 14.23
C ARG B 115 -14.56 -0.59 13.03
N ARG B 116 -14.13 -1.60 12.26
CA ARG B 116 -13.30 -1.33 11.10
C ARG B 116 -14.08 -0.58 10.01
N LEU B 117 -15.36 -0.93 9.83
CA LEU B 117 -16.18 -0.26 8.83
C LEU B 117 -16.44 1.19 9.21
N ARG B 118 -16.68 1.42 10.49
CA ARG B 118 -16.95 2.78 10.94
C ARG B 118 -15.68 3.63 10.85
N ASP B 119 -14.53 3.01 11.10
CA ASP B 119 -13.27 3.74 11.01
C ASP B 119 -12.99 4.07 9.54
N ALA B 120 -13.51 3.23 8.65
CA ALA B 120 -13.35 3.43 7.21
C ALA B 120 -14.32 4.52 6.73
N GLY B 121 -15.18 4.97 7.64
CA GLY B 121 -16.13 6.02 7.29
C GLY B 121 -17.50 5.58 6.81
N ALA B 122 -17.78 4.27 6.88
CA ALA B 122 -19.08 3.79 6.44
C ALA B 122 -20.18 4.22 7.40
N VAL B 123 -21.40 4.36 6.89
CA VAL B 123 -22.55 4.74 7.70
C VAL B 123 -23.44 3.51 7.88
N VAL B 124 -23.74 3.14 9.11
CA VAL B 124 -24.59 1.97 9.36
C VAL B 124 -26.06 2.40 9.35
N LEU B 125 -26.80 1.94 8.35
CA LEU B 125 -28.22 2.26 8.22
C LEU B 125 -29.06 1.51 9.23
N GLY B 126 -28.67 0.27 9.50
CA GLY B 126 -29.42 -0.55 10.42
C GLY B 126 -29.05 -2.02 10.31
N LYS B 127 -29.93 -2.87 10.81
CA LYS B 127 -29.72 -4.32 10.80
C LYS B 127 -30.74 -5.03 9.91
N THR B 128 -30.32 -6.12 9.27
CA THR B 128 -31.20 -6.86 8.40
C THR B 128 -31.71 -8.14 9.06
N ASN B 129 -32.90 -8.56 8.63
CA ASN B 129 -33.51 -9.76 9.15
C ASN B 129 -32.74 -11.00 8.70
N LEU B 130 -32.94 -12.10 9.40
CA LEU B 130 -32.25 -13.35 9.10
C LEU B 130 -33.09 -14.49 9.63
N SER B 131 -32.81 -15.71 9.17
CA SER B 131 -33.51 -16.88 9.69
C SER B 131 -33.10 -16.83 11.15
N GLU B 132 -34.05 -16.98 12.07
CA GLU B 132 -33.74 -16.89 13.49
C GLU B 132 -32.59 -17.79 13.92
N TRP B 133 -31.68 -17.24 14.72
CA TRP B 133 -30.49 -17.95 15.19
C TRP B 133 -29.67 -18.48 14.01
N ALA B 134 -29.68 -17.73 12.92
CA ALA B 134 -28.96 -18.08 11.71
C ALA B 134 -29.39 -19.47 11.24
N ASN B 135 -30.68 -19.76 11.41
CA ASN B 135 -31.27 -21.02 11.00
C ASN B 135 -30.78 -22.26 11.74
N PHE B 136 -30.16 -22.06 12.91
CA PHE B 136 -29.70 -23.21 13.68
C PHE B 136 -30.60 -23.38 14.89
N ARG B 137 -31.91 -23.44 14.67
CA ARG B 137 -32.84 -23.58 15.78
C ARG B 137 -33.70 -24.85 15.71
N GLY B 138 -34.34 -25.10 14.59
CA GLY B 138 -35.18 -26.29 14.48
C GLY B 138 -35.23 -26.99 13.14
N ASN B 139 -35.91 -28.14 13.10
CA ASN B 139 -36.07 -28.91 11.87
C ASN B 139 -37.20 -28.31 11.02
N ASP B 140 -37.14 -28.52 9.72
CA ASP B 140 -38.15 -27.99 8.80
C ASP B 140 -38.40 -26.51 9.01
N SER B 141 -37.31 -25.76 9.20
CA SER B 141 -37.41 -24.33 9.41
C SER B 141 -37.74 -23.61 8.11
N ILE B 142 -38.17 -22.35 8.25
CA ILE B 142 -38.51 -21.52 7.09
C ILE B 142 -37.44 -20.44 6.97
N SER B 143 -36.71 -20.45 5.87
CA SER B 143 -35.66 -19.46 5.66
C SER B 143 -36.20 -18.05 5.59
N GLY B 144 -35.48 -17.11 6.20
CA GLY B 144 -35.89 -15.73 6.18
C GLY B 144 -36.89 -15.33 7.24
N TRP B 145 -37.27 -16.28 8.11
CA TRP B 145 -38.24 -15.98 9.16
C TRP B 145 -37.61 -15.87 10.55
N SER B 146 -38.05 -14.90 11.33
CA SER B 146 -37.59 -14.73 12.70
C SER B 146 -38.79 -14.19 13.46
N ALA B 147 -38.84 -14.43 14.76
CA ALA B 147 -39.97 -13.97 15.56
C ALA B 147 -40.00 -12.43 15.63
N ARG B 148 -38.83 -11.83 15.72
CA ARG B 148 -38.74 -10.38 15.81
C ARG B 148 -38.87 -9.65 14.48
N GLY B 149 -38.35 -10.24 13.40
CA GLY B 149 -38.41 -9.57 12.11
C GLY B 149 -39.47 -10.04 11.14
N GLY B 150 -40.15 -11.14 11.46
CA GLY B 150 -41.16 -11.65 10.56
C GLY B 150 -40.54 -12.36 9.37
N GLN B 151 -41.29 -12.40 8.27
CA GLN B 151 -40.85 -13.08 7.06
C GLN B 151 -40.28 -12.17 5.97
N THR B 152 -39.00 -12.34 5.68
CA THR B 152 -38.37 -11.56 4.63
C THR B 152 -38.81 -12.21 3.32
N ARG B 153 -39.05 -11.41 2.30
CA ARG B 153 -39.51 -11.94 1.02
C ARG B 153 -38.56 -11.65 -0.14
N ASN B 154 -38.56 -12.53 -1.13
CA ASN B 154 -37.72 -12.35 -2.31
C ASN B 154 -38.32 -11.23 -3.15
N PRO B 155 -37.53 -10.18 -3.46
CA PRO B 155 -38.02 -9.05 -4.25
C PRO B 155 -38.39 -9.36 -5.70
N TYR B 156 -37.88 -10.46 -6.25
CA TYR B 156 -38.19 -10.82 -7.63
C TYR B 156 -39.57 -11.45 -7.76
N ARG B 157 -40.07 -11.96 -6.64
CA ARG B 157 -41.41 -12.57 -6.56
C ARG B 157 -41.66 -12.72 -5.07
N ILE B 158 -42.41 -11.77 -4.50
CA ILE B 158 -42.63 -11.74 -3.05
C ILE B 158 -43.27 -12.94 -2.37
N SER B 159 -43.80 -13.88 -3.15
CA SER B 159 -44.41 -15.09 -2.61
C SER B 159 -43.33 -16.14 -2.40
N HIS B 160 -42.15 -15.89 -2.97
CA HIS B 160 -41.05 -16.85 -2.89
C HIS B 160 -39.98 -16.54 -1.85
N SER B 161 -39.21 -17.57 -1.53
CA SER B 161 -38.17 -17.48 -0.52
C SER B 161 -36.93 -16.68 -0.87
N PRO B 162 -36.41 -15.92 0.11
CA PRO B 162 -35.21 -15.13 -0.10
C PRO B 162 -34.01 -16.03 0.28
N CYS B 163 -34.34 -17.25 0.69
CA CYS B 163 -33.35 -18.23 1.14
C CYS B 163 -32.72 -17.63 2.39
N GLY B 164 -31.56 -18.11 2.82
CA GLY B 164 -30.93 -17.46 4.06
C GLY B 164 -29.81 -18.25 4.57
N SER B 165 -29.26 -17.85 5.65
CA SER B 165 -29.67 -17.18 6.89
C SER B 165 -29.55 -15.65 6.65
N SER B 166 -28.66 -15.26 5.74
CA SER B 166 -28.45 -13.84 5.43
C SER B 166 -29.54 -13.31 4.48
N SER B 167 -30.78 -13.61 4.79
CA SER B 167 -31.93 -13.23 3.96
C SER B 167 -32.09 -11.74 3.72
N GLY B 168 -32.21 -10.99 4.80
CA GLY B 168 -32.38 -9.54 4.69
C GLY B 168 -31.25 -8.82 4.02
N SER B 169 -30.02 -9.26 4.25
CA SER B 169 -28.88 -8.61 3.63
C SER B 169 -28.91 -8.76 2.11
N ALA B 170 -29.22 -9.96 1.63
CA ALA B 170 -29.28 -10.21 0.19
C ALA B 170 -30.43 -9.42 -0.44
N VAL B 171 -31.59 -9.45 0.20
CA VAL B 171 -32.75 -8.75 -0.31
C VAL B 171 -32.54 -7.23 -0.32
N ALA B 172 -31.96 -6.70 0.75
CA ALA B 172 -31.70 -5.27 0.84
C ALA B 172 -30.80 -4.80 -0.30
N VAL B 173 -29.76 -5.57 -0.57
CA VAL B 173 -28.83 -5.22 -1.64
C VAL B 173 -29.52 -5.31 -3.00
N ALA B 174 -30.29 -6.37 -3.21
CA ALA B 174 -30.98 -6.57 -4.48
C ALA B 174 -32.03 -5.49 -4.72
N ALA B 175 -32.65 -5.01 -3.66
CA ALA B 175 -33.70 -4.00 -3.76
C ALA B 175 -33.17 -2.58 -3.61
N ASN B 176 -31.85 -2.42 -3.59
CA ASN B 176 -31.22 -1.11 -3.44
C ASN B 176 -31.66 -0.37 -2.18
N LEU B 177 -31.70 -1.07 -1.05
CA LEU B 177 -32.06 -0.45 0.22
C LEU B 177 -30.82 0.10 0.91
N ALA B 178 -29.65 -0.23 0.36
CA ALA B 178 -28.37 0.25 0.88
C ALA B 178 -27.33 0.02 -0.22
N SER B 179 -26.14 0.59 -0.04
CA SER B 179 -25.09 0.43 -1.03
C SER B 179 -24.57 -0.99 -1.02
N VAL B 180 -24.24 -1.48 0.18
CA VAL B 180 -23.73 -2.84 0.36
C VAL B 180 -24.22 -3.38 1.71
N ALA B 181 -23.99 -4.66 1.95
CA ALA B 181 -24.39 -5.26 3.22
C ALA B 181 -23.42 -6.35 3.66
N ILE B 182 -23.50 -6.70 4.93
CA ILE B 182 -22.65 -7.74 5.48
C ILE B 182 -23.52 -8.91 5.92
N GLY B 183 -23.11 -10.13 5.55
CA GLY B 183 -23.86 -11.30 5.96
C GLY B 183 -22.89 -12.24 6.66
N THR B 184 -23.35 -13.42 7.04
CA THR B 184 -22.46 -14.41 7.68
C THR B 184 -22.83 -15.77 7.10
N GLU B 185 -21.84 -16.66 7.04
CA GLU B 185 -22.10 -18.00 6.52
C GLU B 185 -21.43 -19.05 7.40
N THR B 186 -22.11 -20.18 7.52
CA THR B 186 -21.61 -21.34 8.27
C THR B 186 -21.63 -22.45 7.21
N ASP B 187 -22.71 -22.49 6.43
CA ASP B 187 -22.86 -23.44 5.33
C ASP B 187 -23.95 -22.95 4.35
N GLY B 188 -23.54 -22.10 3.42
CA GLY B 188 -24.45 -21.56 2.42
C GLY B 188 -25.18 -20.26 2.71
N SER B 189 -25.07 -19.76 3.95
CA SER B 189 -25.77 -18.54 4.32
C SER B 189 -25.43 -17.23 3.66
N ILE B 190 -24.34 -17.18 2.91
CA ILE B 190 -24.01 -15.95 2.21
C ILE B 190 -24.26 -16.19 0.71
N VAL B 191 -23.65 -17.24 0.17
CA VAL B 191 -23.79 -17.50 -1.26
C VAL B 191 -25.17 -17.94 -1.73
N CYS B 192 -25.91 -18.69 -0.92
CA CYS B 192 -27.23 -19.13 -1.37
C CYS B 192 -28.19 -17.94 -1.46
N PRO B 193 -28.35 -17.16 -0.38
CA PRO B 193 -29.28 -16.04 -0.52
C PRO B 193 -28.77 -15.03 -1.56
N ALA B 194 -27.46 -14.91 -1.71
CA ALA B 194 -26.92 -13.99 -2.71
C ALA B 194 -27.38 -14.43 -4.11
N ALA B 195 -27.21 -15.70 -4.42
CA ALA B 195 -27.61 -16.22 -5.73
C ALA B 195 -29.13 -16.13 -5.94
N ILE B 196 -29.87 -16.54 -4.92
CA ILE B 196 -31.33 -16.54 -4.96
C ILE B 196 -31.92 -15.15 -5.20
N ASN B 197 -31.21 -14.12 -4.76
CA ASN B 197 -31.67 -12.75 -4.91
C ASN B 197 -30.90 -11.93 -5.95
N GLY B 198 -30.19 -12.62 -6.84
CA GLY B 198 -29.47 -11.95 -7.92
C GLY B 198 -28.37 -10.97 -7.59
N VAL B 199 -27.61 -11.24 -6.53
CA VAL B 199 -26.51 -10.36 -6.18
C VAL B 199 -25.22 -11.13 -5.96
N VAL B 200 -24.15 -10.39 -5.68
CA VAL B 200 -22.85 -10.98 -5.44
C VAL B 200 -22.67 -11.26 -3.96
N GLY B 201 -22.17 -12.46 -3.65
CA GLY B 201 -21.94 -12.82 -2.28
C GLY B 201 -20.56 -13.43 -2.18
N LEU B 202 -19.78 -13.01 -1.19
CA LEU B 202 -18.42 -13.53 -1.05
C LEU B 202 -18.21 -14.08 0.37
N LYS B 203 -17.87 -15.37 0.46
CA LYS B 203 -17.59 -16.00 1.75
C LYS B 203 -16.09 -16.19 1.77
N PRO B 204 -15.36 -15.42 2.58
CA PRO B 204 -13.92 -15.60 2.58
C PRO B 204 -13.41 -16.83 3.34
N THR B 205 -12.11 -17.03 3.26
CA THR B 205 -11.45 -18.12 3.96
C THR B 205 -11.68 -17.85 5.44
N VAL B 206 -11.90 -18.89 6.22
CA VAL B 206 -12.11 -18.69 7.66
C VAL B 206 -10.79 -18.19 8.24
N GLY B 207 -10.83 -17.01 8.84
CA GLY B 207 -9.63 -16.43 9.41
C GLY B 207 -9.27 -15.09 8.78
N LEU B 208 -9.86 -14.80 7.62
CA LEU B 208 -9.58 -13.53 6.95
C LEU B 208 -10.27 -12.37 7.66
N VAL B 209 -11.51 -12.59 8.09
CA VAL B 209 -12.30 -11.57 8.77
C VAL B 209 -12.67 -12.03 10.17
N SER B 210 -12.42 -11.17 11.17
CA SER B 210 -12.73 -11.51 12.55
C SER B 210 -14.21 -11.84 12.79
N ARG B 211 -14.46 -12.88 13.58
CA ARG B 211 -15.81 -13.28 13.93
C ARG B 211 -16.17 -12.72 15.32
N ASP B 212 -15.29 -11.90 15.87
CA ASP B 212 -15.56 -11.35 17.19
C ASP B 212 -16.77 -10.43 17.15
N GLY B 213 -17.65 -10.58 18.13
CA GLY B 213 -18.84 -9.74 18.18
C GLY B 213 -19.98 -10.22 17.30
N ILE B 214 -19.93 -11.49 16.89
CA ILE B 214 -20.98 -12.05 16.06
C ILE B 214 -21.58 -13.26 16.79
N ILE B 215 -22.90 -13.35 16.84
CA ILE B 215 -23.55 -14.49 17.48
C ILE B 215 -23.14 -15.65 16.60
N PRO B 216 -22.43 -16.63 17.17
CA PRO B 216 -21.97 -17.78 16.39
C PRO B 216 -22.82 -19.02 16.25
N ILE B 217 -22.24 -19.94 15.49
CA ILE B 217 -22.77 -21.27 15.28
C ILE B 217 -21.52 -22.14 15.40
N SER B 218 -20.56 -21.90 14.50
CA SER B 218 -19.33 -22.70 14.47
C SER B 218 -18.03 -21.91 14.29
N PHE B 219 -17.10 -22.03 15.22
CA PHE B 219 -15.85 -21.31 15.06
C PHE B 219 -14.99 -21.92 13.96
N SER B 220 -15.31 -23.17 13.59
CA SER B 220 -14.57 -23.83 12.52
C SER B 220 -14.99 -23.40 11.11
N GLN B 221 -16.26 -23.05 10.92
CA GLN B 221 -16.75 -22.67 9.60
C GLN B 221 -17.30 -21.24 9.45
N ASP B 222 -17.64 -20.59 10.56
CA ASP B 222 -18.21 -19.25 10.55
C ASP B 222 -17.35 -18.14 9.96
N THR B 223 -17.99 -17.22 9.24
CA THR B 223 -17.31 -16.05 8.72
C THR B 223 -18.30 -15.03 8.19
N ALA B 224 -17.96 -13.76 8.36
CA ALA B 224 -18.79 -12.69 7.84
C ALA B 224 -18.29 -12.47 6.42
N GLY B 225 -19.12 -11.87 5.58
CA GLY B 225 -18.73 -11.64 4.20
C GLY B 225 -19.59 -10.57 3.56
N PRO B 226 -19.07 -9.93 2.51
CA PRO B 226 -19.84 -8.88 1.84
C PRO B 226 -20.88 -9.38 0.86
N MET B 227 -21.95 -8.60 0.73
CA MET B 227 -23.02 -8.90 -0.21
C MET B 227 -23.20 -7.57 -0.93
N ALA B 228 -23.18 -7.62 -2.26
CA ALA B 228 -23.29 -6.40 -3.05
C ALA B 228 -23.82 -6.70 -4.44
N ARG B 229 -24.16 -5.65 -5.17
CA ARG B 229 -24.68 -5.86 -6.51
C ARG B 229 -23.58 -6.11 -7.53
N SER B 230 -22.34 -5.77 -7.17
CA SER B 230 -21.22 -5.96 -8.07
C SER B 230 -19.99 -6.53 -7.36
N VAL B 231 -19.10 -7.16 -8.11
CA VAL B 231 -17.90 -7.72 -7.54
C VAL B 231 -17.01 -6.60 -7.01
N ALA B 232 -16.98 -5.48 -7.72
CA ALA B 232 -16.16 -4.35 -7.29
C ALA B 232 -16.59 -3.84 -5.91
N ASP B 233 -17.89 -3.77 -5.68
CA ASP B 233 -18.39 -3.32 -4.39
C ASP B 233 -18.04 -4.33 -3.30
N ALA B 234 -18.16 -5.62 -3.62
CA ALA B 234 -17.83 -6.65 -2.65
C ALA B 234 -16.35 -6.56 -2.25
N ALA B 235 -15.50 -6.30 -3.25
CA ALA B 235 -14.06 -6.18 -3.02
C ALA B 235 -13.72 -4.97 -2.14
N ALA B 236 -14.45 -3.89 -2.31
CA ALA B 236 -14.20 -2.69 -1.50
C ALA B 236 -14.52 -2.99 -0.04
N VAL B 237 -15.62 -3.69 0.19
CA VAL B 237 -16.01 -4.02 1.55
C VAL B 237 -15.01 -5.00 2.18
N LEU B 238 -14.58 -6.00 1.41
CA LEU B 238 -13.64 -6.97 1.94
C LEU B 238 -12.35 -6.29 2.38
N THR B 239 -11.90 -5.32 1.59
CA THR B 239 -10.68 -4.59 1.91
C THR B 239 -10.80 -3.89 3.27
N ALA B 240 -12.00 -3.43 3.59
CA ALA B 240 -12.22 -2.73 4.85
C ALA B 240 -12.36 -3.65 6.08
N ILE B 241 -12.99 -4.80 5.92
CA ILE B 241 -13.19 -5.68 7.07
C ILE B 241 -12.13 -6.75 7.34
N ALA B 242 -11.29 -7.05 6.36
CA ALA B 242 -10.26 -8.07 6.57
C ALA B 242 -9.17 -7.56 7.51
N GLY B 243 -8.67 -8.43 8.37
CA GLY B 243 -7.62 -8.01 9.28
C GLY B 243 -7.50 -8.87 10.53
N ARG B 244 -6.31 -8.88 11.11
CA ARG B 244 -6.07 -9.67 12.32
C ARG B 244 -6.69 -9.02 13.55
N ASP B 245 -7.25 -9.85 14.42
CA ASP B 245 -7.89 -9.39 15.64
C ASP B 245 -7.49 -10.35 16.74
N ASP B 246 -6.90 -9.84 17.82
CA ASP B 246 -6.47 -10.70 18.92
C ASP B 246 -7.61 -11.49 19.54
N ALA B 247 -8.83 -10.96 19.45
CA ALA B 247 -9.99 -11.62 20.03
C ALA B 247 -10.45 -12.83 19.21
N ASP B 248 -9.92 -13.00 18.00
CA ASP B 248 -10.28 -14.14 17.16
C ASP B 248 -9.03 -14.86 16.66
N PRO B 249 -8.63 -15.93 17.37
CA PRO B 249 -7.45 -16.75 17.06
C PRO B 249 -7.35 -17.19 15.61
N ALA B 250 -8.48 -17.40 14.96
CA ALA B 250 -8.48 -17.84 13.56
C ALA B 250 -7.79 -16.84 12.66
N THR B 251 -7.85 -15.55 13.00
CA THR B 251 -7.23 -14.52 12.18
C THR B 251 -5.71 -14.48 12.27
N ALA B 252 -5.14 -15.22 13.22
CA ALA B 252 -3.69 -15.24 13.37
C ALA B 252 -3.08 -16.34 12.51
N THR B 253 -3.92 -17.15 11.89
CA THR B 253 -3.45 -18.26 11.06
C THR B 253 -3.23 -17.89 9.60
N MET B 254 -3.49 -16.64 9.24
CA MET B 254 -3.33 -16.21 7.86
C MET B 254 -1.87 -16.00 7.48
N PRO B 255 -1.41 -16.68 6.41
CA PRO B 255 -0.05 -16.60 5.90
C PRO B 255 0.22 -15.30 5.15
N GLY B 256 1.26 -14.59 5.57
CA GLY B 256 1.62 -13.33 4.93
C GLY B 256 0.50 -12.33 4.80
N ARG B 257 -0.17 -12.02 5.90
CA ARG B 257 -1.26 -11.04 5.86
C ARG B 257 -0.67 -9.65 5.73
N ALA B 258 -1.31 -8.81 4.91
CA ALA B 258 -0.84 -7.45 4.72
C ALA B 258 -2.02 -6.54 4.40
N VAL B 259 -1.78 -5.24 4.45
CA VAL B 259 -2.82 -4.26 4.13
C VAL B 259 -3.05 -4.42 2.64
N TYR B 260 -3.93 -5.36 2.28
CA TYR B 260 -4.23 -5.66 0.89
C TYR B 260 -5.45 -4.96 0.32
N ASP B 261 -5.28 -4.33 -0.84
CA ASP B 261 -6.38 -3.64 -1.50
C ASP B 261 -6.94 -4.58 -2.56
N TYR B 262 -8.04 -5.23 -2.23
CA TYR B 262 -8.67 -6.18 -3.16
C TYR B 262 -9.23 -5.53 -4.42
N THR B 263 -9.42 -4.21 -4.41
CA THR B 263 -9.95 -3.56 -5.61
C THR B 263 -8.88 -3.52 -6.70
N ALA B 264 -7.63 -3.77 -6.30
CA ALA B 264 -6.53 -3.79 -7.26
C ALA B 264 -6.61 -5.06 -8.10
N ARG B 265 -7.42 -6.02 -7.65
CA ARG B 265 -7.58 -7.29 -8.34
C ARG B 265 -8.74 -7.29 -9.35
N LEU B 266 -9.36 -6.14 -9.54
CA LEU B 266 -10.47 -6.04 -10.48
C LEU B 266 -9.89 -5.91 -11.88
N ASP B 267 -9.44 -7.04 -12.41
CA ASP B 267 -8.81 -7.12 -13.74
C ASP B 267 -9.77 -7.66 -14.80
N PRO B 268 -10.09 -6.84 -15.81
CA PRO B 268 -11.00 -7.30 -16.88
C PRO B 268 -10.42 -8.46 -17.68
N GLN B 269 -9.10 -8.68 -17.55
CA GLN B 269 -8.46 -9.78 -18.24
C GLN B 269 -8.10 -10.87 -17.23
N GLY B 270 -8.80 -10.86 -16.10
CA GLY B 270 -8.55 -11.81 -15.04
C GLY B 270 -8.73 -13.29 -15.32
N LEU B 271 -9.37 -13.64 -16.44
CA LEU B 271 -9.56 -15.05 -16.77
C LEU B 271 -8.53 -15.59 -17.74
N ARG B 272 -7.73 -14.69 -18.31
CA ARG B 272 -6.70 -15.08 -19.28
C ARG B 272 -5.64 -15.99 -18.64
N GLY B 273 -5.47 -17.18 -19.20
CA GLY B 273 -4.49 -18.11 -18.68
C GLY B 273 -4.94 -18.93 -17.48
N LYS B 274 -6.16 -18.71 -17.02
CA LYS B 274 -6.67 -19.46 -15.87
C LYS B 274 -7.21 -20.82 -16.30
N ARG B 275 -7.24 -21.75 -15.34
CA ARG B 275 -7.74 -23.09 -15.56
C ARG B 275 -8.87 -23.30 -14.56
N ILE B 276 -10.07 -23.58 -15.08
CA ILE B 276 -11.26 -23.76 -14.27
C ILE B 276 -11.90 -25.12 -14.42
N GLY B 277 -12.34 -25.69 -13.30
CA GLY B 277 -13.00 -26.97 -13.33
C GLY B 277 -14.50 -26.78 -13.15
N LEU B 278 -15.30 -27.27 -14.09
CA LEU B 278 -16.76 -27.17 -13.99
C LEU B 278 -17.24 -28.41 -13.26
N LEU B 279 -17.76 -28.22 -12.05
CA LEU B 279 -18.22 -29.34 -11.24
C LEU B 279 -19.40 -30.08 -11.86
N GLN B 280 -19.31 -31.40 -11.87
CA GLN B 280 -20.35 -32.23 -12.46
C GLN B 280 -21.36 -32.69 -11.41
N THR B 281 -22.30 -31.81 -11.06
CA THR B 281 -23.32 -32.18 -10.09
C THR B 281 -24.67 -32.15 -10.77
N PRO B 282 -25.68 -32.80 -10.15
CA PRO B 282 -27.04 -32.85 -10.69
C PRO B 282 -27.62 -31.46 -10.94
N LEU B 283 -27.01 -30.46 -10.34
CA LEU B 283 -27.48 -29.08 -10.49
C LEU B 283 -27.34 -28.61 -11.94
N LEU B 284 -26.45 -29.25 -12.70
CA LEU B 284 -26.26 -28.89 -14.10
C LEU B 284 -27.48 -29.26 -14.92
N LYS B 285 -28.27 -30.20 -14.39
CA LYS B 285 -29.47 -30.68 -15.06
C LYS B 285 -30.77 -30.12 -14.49
N TYR B 286 -30.64 -29.19 -13.54
CA TYR B 286 -31.80 -28.56 -12.93
C TYR B 286 -32.61 -27.93 -14.07
N ARG B 287 -33.93 -27.99 -13.98
CA ARG B 287 -34.78 -27.44 -15.05
C ARG B 287 -34.44 -26.01 -15.43
N GLY B 288 -34.05 -25.81 -16.70
CA GLY B 288 -33.71 -24.49 -17.20
C GLY B 288 -32.26 -24.08 -17.01
N MET B 289 -31.49 -24.92 -16.34
CA MET B 289 -30.09 -24.63 -16.04
C MET B 289 -29.10 -24.89 -17.18
N PRO B 290 -29.26 -26.00 -17.94
CA PRO B 290 -28.34 -26.30 -19.04
C PRO B 290 -27.93 -25.13 -19.93
N PRO B 291 -28.90 -24.38 -20.48
CA PRO B 291 -28.57 -23.25 -21.35
C PRO B 291 -27.72 -22.19 -20.65
N LEU B 292 -28.03 -21.93 -19.39
CA LEU B 292 -27.33 -20.92 -18.62
C LEU B 292 -25.89 -21.31 -18.27
N ILE B 293 -25.69 -22.53 -17.80
CA ILE B 293 -24.35 -22.96 -17.43
C ILE B 293 -23.51 -23.20 -18.69
N GLU B 294 -24.16 -23.57 -19.78
CA GLU B 294 -23.46 -23.79 -21.03
C GLU B 294 -22.92 -22.44 -21.53
N GLN B 295 -23.76 -21.41 -21.45
CA GLN B 295 -23.37 -20.08 -21.89
C GLN B 295 -22.26 -19.53 -21.00
N ALA B 296 -22.35 -19.82 -19.71
CA ALA B 296 -21.35 -19.36 -18.74
C ALA B 296 -19.99 -19.97 -19.05
N ALA B 297 -19.97 -21.27 -19.34
CA ALA B 297 -18.73 -21.95 -19.67
C ALA B 297 -18.13 -21.33 -20.92
N THR B 298 -18.99 -21.01 -21.88
CA THR B 298 -18.53 -20.40 -23.13
C THR B 298 -17.92 -19.02 -22.86
N GLU B 299 -18.57 -18.23 -22.01
CA GLU B 299 -18.04 -16.90 -21.70
C GLU B 299 -16.66 -17.03 -21.05
N LEU B 300 -16.51 -17.99 -20.15
CA LEU B 300 -15.24 -18.22 -19.46
C LEU B 300 -14.15 -18.61 -20.46
N ARG B 301 -14.49 -19.46 -21.42
CA ARG B 301 -13.52 -19.90 -22.42
C ARG B 301 -13.12 -18.76 -23.36
N ARG B 302 -14.10 -17.98 -23.78
CA ARG B 302 -13.84 -16.86 -24.68
C ARG B 302 -13.02 -15.78 -23.98
N ALA B 303 -13.07 -15.79 -22.65
CA ALA B 303 -12.32 -14.83 -21.83
C ALA B 303 -10.86 -15.25 -21.71
N GLY B 304 -10.55 -16.46 -22.16
CA GLY B 304 -9.19 -16.94 -22.09
C GLY B 304 -8.93 -18.04 -21.10
N ALA B 305 -9.97 -18.54 -20.44
CA ALA B 305 -9.78 -19.60 -19.47
C ALA B 305 -10.00 -20.98 -20.08
N VAL B 306 -9.35 -21.98 -19.50
CA VAL B 306 -9.53 -23.35 -19.94
C VAL B 306 -10.58 -23.89 -18.97
N VAL B 307 -11.64 -24.50 -19.50
CA VAL B 307 -12.69 -25.04 -18.65
C VAL B 307 -12.81 -26.54 -18.88
N VAL B 308 -12.61 -27.31 -17.82
CA VAL B 308 -12.69 -28.75 -17.93
C VAL B 308 -13.67 -29.34 -16.92
N PRO B 309 -14.42 -30.37 -17.34
CA PRO B 309 -15.39 -31.00 -16.45
C PRO B 309 -14.67 -31.83 -15.39
N VAL B 310 -15.05 -31.64 -14.13
CA VAL B 310 -14.40 -32.38 -13.05
C VAL B 310 -15.42 -32.75 -11.98
N GLU B 311 -15.08 -33.77 -11.21
CA GLU B 311 -15.94 -34.20 -10.12
C GLU B 311 -15.20 -33.97 -8.82
N LEU B 312 -15.93 -33.54 -7.80
CA LEU B 312 -15.34 -33.27 -6.50
C LEU B 312 -15.20 -34.54 -5.69
N PRO B 313 -13.95 -34.88 -5.32
CA PRO B 313 -13.73 -36.10 -4.53
C PRO B 313 -14.36 -35.93 -3.14
N ASN B 314 -14.98 -36.99 -2.64
CA ASN B 314 -15.61 -36.96 -1.32
C ASN B 314 -16.84 -36.05 -1.21
N GLN B 315 -17.46 -35.73 -2.34
CA GLN B 315 -18.64 -34.87 -2.31
C GLN B 315 -19.67 -35.37 -1.31
N GLY B 316 -19.96 -34.56 -0.30
CA GLY B 316 -20.93 -34.92 0.72
C GLY B 316 -20.49 -35.91 1.79
N ALA B 317 -19.28 -36.45 1.67
CA ALA B 317 -18.78 -37.43 2.63
C ALA B 317 -18.61 -36.88 4.04
N TRP B 318 -18.56 -35.56 4.14
CA TRP B 318 -18.38 -34.87 5.42
C TRP B 318 -19.70 -34.60 6.15
N ALA B 319 -20.82 -34.95 5.53
CA ALA B 319 -22.14 -34.70 6.10
C ALA B 319 -22.27 -35.02 7.60
N GLU B 320 -22.00 -36.26 7.97
CA GLU B 320 -22.10 -36.68 9.36
C GLU B 320 -21.17 -35.93 10.29
N ALA B 321 -19.91 -35.78 9.89
CA ALA B 321 -18.94 -35.07 10.70
C ALA B 321 -19.34 -33.62 10.91
N GLU B 322 -19.87 -32.99 9.86
CA GLU B 322 -20.27 -31.59 9.96
C GLU B 322 -21.42 -31.42 10.95
N ARG B 323 -22.38 -32.34 10.90
CA ARG B 323 -23.51 -32.26 11.82
C ARG B 323 -23.01 -32.27 13.26
N THR B 324 -22.11 -33.19 13.56
CA THR B 324 -21.56 -33.31 14.89
C THR B 324 -20.79 -32.08 15.32
N LEU B 325 -19.89 -31.59 14.48
CA LEU B 325 -19.10 -30.43 14.87
C LEU B 325 -19.95 -29.18 15.06
N LEU B 326 -20.99 -29.01 14.26
CA LEU B 326 -21.83 -27.83 14.40
C LEU B 326 -22.61 -27.84 15.71
N LEU B 327 -23.15 -29.00 16.07
CA LEU B 327 -23.92 -29.10 17.31
C LEU B 327 -23.05 -28.83 18.53
N TYR B 328 -21.85 -29.41 18.55
CA TYR B 328 -20.93 -29.19 19.66
C TYR B 328 -20.45 -27.76 19.74
N GLU B 329 -20.04 -27.21 18.60
CA GLU B 329 -19.55 -25.85 18.56
C GLU B 329 -20.61 -24.79 18.81
N PHE B 330 -21.85 -25.07 18.45
CA PHE B 330 -22.93 -24.13 18.68
C PHE B 330 -23.15 -23.89 20.17
N LYS B 331 -23.23 -24.97 20.94
CA LYS B 331 -23.44 -24.82 22.38
C LYS B 331 -22.26 -24.10 23.02
N ALA B 332 -21.06 -24.55 22.72
CA ALA B 332 -19.86 -23.95 23.29
C ALA B 332 -19.71 -22.48 22.92
N GLY B 333 -19.88 -22.17 21.64
CA GLY B 333 -19.75 -20.80 21.18
C GLY B 333 -20.83 -19.85 21.64
N LEU B 334 -22.08 -20.31 21.62
CA LEU B 334 -23.17 -19.44 22.03
C LEU B 334 -23.05 -19.09 23.51
N GLU B 335 -22.72 -20.07 24.35
CA GLU B 335 -22.60 -19.80 25.76
C GLU B 335 -21.41 -18.88 26.04
N ARG B 336 -20.34 -19.01 25.26
CA ARG B 336 -19.19 -18.14 25.44
C ARG B 336 -19.59 -16.72 25.03
N TYR B 337 -20.36 -16.62 23.95
CA TYR B 337 -20.81 -15.31 23.48
C TYR B 337 -21.72 -14.66 24.51
N PHE B 338 -22.66 -15.41 25.06
CA PHE B 338 -23.58 -14.86 26.06
C PHE B 338 -22.82 -14.31 27.27
N ASN B 339 -21.79 -15.01 27.70
CA ASN B 339 -21.00 -14.59 28.85
C ASN B 339 -20.11 -13.38 28.53
N THR B 340 -19.43 -13.44 27.39
CA THR B 340 -18.54 -12.38 26.97
C THR B 340 -19.24 -11.02 26.85
N HIS B 341 -20.45 -11.05 26.31
CA HIS B 341 -21.20 -9.81 26.11
C HIS B 341 -22.32 -9.59 27.13
N ARG B 342 -22.30 -10.39 28.19
CA ARG B 342 -23.28 -10.29 29.28
C ARG B 342 -24.72 -10.17 28.80
N ALA B 343 -25.16 -11.14 28.01
CA ALA B 343 -26.51 -11.17 27.47
C ALA B 343 -27.50 -11.51 28.59
N PRO B 344 -28.80 -11.24 28.36
CA PRO B 344 -29.83 -11.54 29.38
C PRO B 344 -30.01 -13.04 29.57
N LEU B 345 -29.48 -13.82 28.64
CA LEU B 345 -29.53 -15.27 28.71
C LEU B 345 -28.09 -15.70 28.87
N ARG B 346 -27.82 -16.71 29.69
CA ARG B 346 -26.44 -17.14 29.86
C ARG B 346 -26.17 -18.59 29.49
N SER B 347 -27.19 -19.30 29.03
CA SER B 347 -27.01 -20.68 28.64
C SER B 347 -27.99 -21.04 27.54
N LEU B 348 -27.70 -22.13 26.84
CA LEU B 348 -28.58 -22.60 25.79
C LEU B 348 -29.86 -23.08 26.47
N ALA B 349 -29.71 -23.62 27.68
CA ALA B 349 -30.87 -24.11 28.43
C ALA B 349 -31.85 -22.95 28.67
N ASP B 350 -31.32 -21.76 28.96
CA ASP B 350 -32.14 -20.58 29.19
C ASP B 350 -32.94 -20.21 27.94
N LEU B 351 -32.30 -20.34 26.77
CA LEU B 351 -32.94 -20.02 25.50
C LEU B 351 -34.06 -21.01 25.21
N ILE B 352 -33.78 -22.29 25.43
CA ILE B 352 -34.78 -23.32 25.19
C ILE B 352 -35.97 -23.04 26.10
N ALA B 353 -35.70 -22.70 27.35
CA ALA B 353 -36.76 -22.39 28.31
C ALA B 353 -37.56 -21.17 27.88
N PHE B 354 -36.86 -20.14 27.40
CA PHE B 354 -37.55 -18.92 26.95
C PHE B 354 -38.50 -19.19 25.79
N ASN B 355 -38.04 -19.98 24.82
CA ASN B 355 -38.90 -20.28 23.68
C ASN B 355 -40.14 -21.05 24.09
N GLN B 356 -39.98 -21.95 25.07
CA GLN B 356 -41.12 -22.73 25.54
C GLN B 356 -42.12 -21.81 26.24
N ALA B 357 -41.60 -20.88 27.04
CA ALA B 357 -42.44 -19.93 27.76
C ALA B 357 -43.17 -18.98 26.81
N HIS B 358 -42.57 -18.75 25.63
CA HIS B 358 -43.20 -17.87 24.64
C HIS B 358 -43.45 -18.67 23.37
N SER B 359 -43.90 -19.90 23.54
CA SER B 359 -44.18 -20.80 22.42
C SER B 359 -45.11 -20.20 21.36
N LYS B 360 -46.06 -19.39 21.79
CA LYS B 360 -47.00 -18.77 20.86
C LYS B 360 -46.30 -17.92 19.80
N GLN B 361 -45.31 -17.13 20.23
CA GLN B 361 -44.59 -16.25 19.31
C GLN B 361 -43.35 -16.89 18.67
N GLU B 362 -42.71 -17.80 19.39
CA GLU B 362 -41.48 -18.42 18.90
C GLU B 362 -41.58 -19.78 18.24
N LEU B 363 -42.48 -20.63 18.71
CA LEU B 363 -42.58 -21.99 18.17
C LEU B 363 -43.87 -22.29 17.40
N GLY B 364 -44.50 -21.26 16.84
CA GLY B 364 -45.73 -21.46 16.10
C GLY B 364 -45.56 -22.05 14.70
N LEU B 365 -44.45 -21.77 14.05
CA LEU B 365 -44.20 -22.27 12.70
C LEU B 365 -43.42 -23.59 12.71
N PHE B 366 -42.37 -23.66 13.53
CA PHE B 366 -41.56 -24.86 13.66
C PHE B 366 -40.92 -24.88 15.05
N GLY B 367 -40.30 -26.00 15.39
CA GLY B 367 -39.70 -26.16 16.71
C GLY B 367 -38.29 -25.65 16.94
N GLN B 368 -37.65 -26.22 17.96
CA GLN B 368 -36.28 -25.83 18.30
C GLN B 368 -35.44 -27.07 18.59
N GLU B 369 -35.64 -28.11 17.77
CA GLU B 369 -34.91 -29.37 17.93
C GLU B 369 -33.40 -29.27 17.85
N LEU B 370 -32.87 -28.33 17.07
CA LEU B 370 -31.43 -28.19 16.98
C LEU B 370 -30.87 -27.64 18.29
N LEU B 371 -31.59 -26.70 18.89
CA LEU B 371 -31.17 -26.12 20.16
C LEU B 371 -31.14 -27.23 21.20
N VAL B 372 -32.18 -28.05 21.19
CA VAL B 372 -32.31 -29.15 22.14
C VAL B 372 -31.19 -30.17 21.99
N GLU B 373 -30.89 -30.56 20.76
CA GLU B 373 -29.83 -31.53 20.55
C GLU B 373 -28.48 -30.92 20.93
N ALA B 374 -28.25 -29.67 20.56
CA ALA B 374 -26.99 -29.00 20.86
C ALA B 374 -26.74 -28.93 22.38
N ASP B 375 -27.80 -28.66 23.15
CA ASP B 375 -27.64 -28.55 24.59
C ASP B 375 -27.21 -29.84 25.27
N ALA B 376 -27.42 -30.96 24.59
CA ALA B 376 -27.07 -32.26 25.14
C ALA B 376 -25.65 -32.71 24.79
N THR B 377 -24.92 -31.93 23.99
CA THR B 377 -23.55 -32.33 23.63
C THR B 377 -22.61 -32.30 24.82
N ALA B 378 -21.63 -33.20 24.81
CA ALA B 378 -20.66 -33.37 25.89
C ALA B 378 -19.51 -32.37 25.99
N GLY B 379 -19.38 -31.45 25.04
CA GLY B 379 -18.30 -30.49 25.14
C GLY B 379 -17.19 -30.72 24.13
N LEU B 380 -16.32 -29.73 23.99
CA LEU B 380 -15.24 -29.80 23.02
C LEU B 380 -14.08 -30.74 23.32
N ALA B 381 -14.10 -31.39 24.48
CA ALA B 381 -13.04 -32.33 24.83
C ALA B 381 -13.42 -33.75 24.41
N ASP B 382 -14.66 -33.91 23.96
CA ASP B 382 -15.15 -35.22 23.53
C ASP B 382 -14.36 -35.71 22.31
N PRO B 383 -13.79 -36.93 22.39
CA PRO B 383 -13.01 -37.49 21.30
C PRO B 383 -13.80 -37.54 19.99
N ALA B 384 -15.11 -37.79 20.08
CA ALA B 384 -15.97 -37.87 18.91
C ALA B 384 -16.01 -36.53 18.19
N TYR B 385 -16.10 -35.45 18.95
CA TYR B 385 -16.12 -34.11 18.37
C TYR B 385 -14.78 -33.82 17.71
N ILE B 386 -13.70 -34.08 18.44
CA ILE B 386 -12.36 -33.85 17.92
C ILE B 386 -12.15 -34.55 16.59
N ARG B 387 -12.57 -35.80 16.51
CA ARG B 387 -12.43 -36.57 15.28
C ARG B 387 -13.32 -36.01 14.17
N ALA B 388 -14.53 -35.59 14.53
CA ALA B 388 -15.47 -35.03 13.55
C ALA B 388 -14.94 -33.72 12.97
N ARG B 389 -14.41 -32.86 13.82
CA ARG B 389 -13.88 -31.58 13.39
C ARG B 389 -12.76 -31.81 12.37
N SER B 390 -11.87 -32.72 12.71
CA SER B 390 -10.75 -33.05 11.84
C SER B 390 -11.17 -33.69 10.52
N ASP B 391 -12.08 -34.66 10.60
CA ASP B 391 -12.55 -35.35 9.41
C ASP B 391 -13.26 -34.43 8.41
N ALA B 392 -14.12 -33.57 8.92
CA ALA B 392 -14.87 -32.66 8.05
C ALA B 392 -13.94 -31.75 7.26
N ARG B 393 -13.00 -31.13 7.95
CA ARG B 393 -12.04 -30.22 7.34
C ARG B 393 -11.17 -30.93 6.30
N ARG B 394 -10.74 -32.15 6.64
CA ARG B 394 -9.90 -32.94 5.75
C ARG B 394 -10.63 -33.40 4.49
N LEU B 395 -11.85 -33.89 4.66
CA LEU B 395 -12.65 -34.39 3.54
C LEU B 395 -13.08 -33.33 2.53
N ALA B 396 -13.41 -32.14 3.02
CA ALA B 396 -13.84 -31.05 2.16
C ALA B 396 -12.70 -30.22 1.58
N GLY B 397 -11.60 -30.13 2.31
CA GLY B 397 -10.47 -29.34 1.85
C GLY B 397 -9.37 -30.12 1.16
N PRO B 398 -8.34 -30.55 1.91
CA PRO B 398 -7.22 -31.31 1.35
C PRO B 398 -7.60 -32.48 0.44
N GLU B 399 -8.59 -33.27 0.85
CA GLU B 399 -9.01 -34.42 0.06
C GLU B 399 -10.27 -34.15 -0.76
N GLY B 400 -10.72 -32.90 -0.78
CA GLY B 400 -11.91 -32.54 -1.52
C GLY B 400 -11.60 -31.49 -2.57
N ILE B 401 -11.82 -30.23 -2.23
CA ILE B 401 -11.55 -29.13 -3.14
C ILE B 401 -10.11 -29.15 -3.62
N ASP B 402 -9.17 -29.30 -2.69
CA ASP B 402 -7.75 -29.31 -3.08
C ASP B 402 -7.41 -30.48 -4.00
N ALA B 403 -8.00 -31.65 -3.75
CA ALA B 403 -7.71 -32.80 -4.60
C ALA B 403 -8.20 -32.54 -6.02
N ALA B 404 -9.34 -31.88 -6.14
CA ALA B 404 -9.90 -31.56 -7.45
C ALA B 404 -9.04 -30.53 -8.16
N LEU B 405 -8.61 -29.50 -7.43
CA LEU B 405 -7.77 -28.46 -8.02
C LEU B 405 -6.43 -29.03 -8.49
N ALA B 406 -5.85 -29.91 -7.69
CA ALA B 406 -4.56 -30.50 -8.00
C ALA B 406 -4.61 -31.48 -9.18
N ALA B 407 -5.70 -32.24 -9.27
CA ALA B 407 -5.86 -33.24 -10.33
C ALA B 407 -5.74 -32.71 -11.75
N HIS B 408 -6.15 -31.46 -11.97
CA HIS B 408 -6.08 -30.85 -13.29
C HIS B 408 -5.39 -29.49 -13.24
N GLN B 409 -4.60 -29.26 -12.18
CA GLN B 409 -3.89 -28.00 -11.98
C GLN B 409 -4.83 -26.82 -12.25
N LEU B 410 -5.88 -26.74 -11.45
CA LEU B 410 -6.89 -25.71 -11.59
C LEU B 410 -6.73 -24.53 -10.64
N ASP B 411 -7.25 -23.39 -11.05
CA ASP B 411 -7.21 -22.17 -10.25
C ASP B 411 -8.49 -22.02 -9.44
N ALA B 412 -9.57 -22.65 -9.92
CA ALA B 412 -10.85 -22.58 -9.23
C ALA B 412 -11.82 -23.61 -9.78
N LEU B 413 -12.91 -23.81 -9.04
CA LEU B 413 -13.97 -24.72 -9.45
C LEU B 413 -15.20 -23.85 -9.58
N VAL B 414 -16.04 -24.12 -10.57
CA VAL B 414 -17.26 -23.35 -10.74
C VAL B 414 -18.45 -24.27 -10.92
N ALA B 415 -19.62 -23.75 -10.61
CA ALA B 415 -20.85 -24.52 -10.75
C ALA B 415 -22.02 -23.63 -10.42
N PRO B 416 -23.24 -24.04 -10.80
CA PRO B 416 -24.40 -23.21 -10.48
C PRO B 416 -24.41 -23.20 -8.96
N THR B 417 -24.72 -22.07 -8.34
CA THR B 417 -24.71 -21.99 -6.88
C THR B 417 -25.80 -22.86 -6.23
N THR B 418 -27.01 -22.75 -6.75
CA THR B 418 -28.15 -23.50 -6.24
C THR B 418 -29.26 -23.37 -7.29
N GLY B 419 -30.46 -23.80 -6.96
CA GLY B 419 -31.58 -23.68 -7.89
C GLY B 419 -32.25 -22.34 -7.66
N VAL B 420 -33.48 -22.19 -8.14
CA VAL B 420 -34.19 -20.92 -7.97
C VAL B 420 -35.03 -20.90 -6.70
N ALA B 421 -35.50 -19.70 -6.37
CA ALA B 421 -36.32 -19.50 -5.18
C ALA B 421 -37.57 -20.37 -5.27
N TRP B 422 -38.04 -20.81 -4.11
CA TRP B 422 -39.23 -21.65 -4.01
C TRP B 422 -40.32 -20.91 -3.25
N PRO B 423 -41.58 -21.31 -3.44
CA PRO B 423 -42.63 -20.60 -2.71
C PRO B 423 -42.52 -20.79 -1.19
N ILE B 424 -42.71 -19.71 -0.44
CA ILE B 424 -42.64 -19.79 1.02
C ILE B 424 -43.90 -20.50 1.49
N ARG B 425 -43.74 -21.58 2.26
CA ARG B 425 -44.90 -22.32 2.75
C ARG B 425 -44.72 -22.77 4.20
N SER B 426 -45.82 -23.11 4.85
CA SER B 426 -45.80 -23.54 6.25
C SER B 426 -44.76 -24.64 6.45
N GLU B 427 -44.64 -25.50 5.46
CA GLU B 427 -43.68 -26.61 5.49
C GLU B 427 -42.26 -26.07 5.43
N GLY B 428 -41.29 -26.94 5.66
CA GLY B 428 -39.90 -26.50 5.63
C GLY B 428 -39.50 -26.02 4.24
N ASP B 429 -38.27 -25.52 4.10
CA ASP B 429 -37.79 -25.05 2.81
C ASP B 429 -37.77 -26.19 1.81
N ASP B 430 -37.98 -25.86 0.54
CA ASP B 430 -37.95 -26.85 -0.53
C ASP B 430 -36.57 -26.71 -1.16
N PHE B 431 -35.55 -27.14 -0.41
CA PHE B 431 -34.16 -27.06 -0.84
C PHE B 431 -33.88 -27.82 -2.14
N PRO B 432 -33.42 -27.10 -3.18
CA PRO B 432 -33.11 -27.70 -4.48
C PRO B 432 -31.73 -28.32 -4.60
N GLY B 433 -30.82 -27.94 -3.73
CA GLY B 433 -29.47 -28.48 -3.78
C GLY B 433 -28.40 -27.40 -3.70
N GLU B 434 -27.14 -27.82 -3.60
CA GLU B 434 -26.05 -26.87 -3.49
C GLU B 434 -24.73 -27.40 -4.04
N SER B 435 -23.77 -26.49 -4.21
CA SER B 435 -22.45 -26.86 -4.70
C SER B 435 -21.42 -26.08 -3.89
N TYR B 436 -21.89 -25.39 -2.86
CA TYR B 436 -21.05 -24.55 -2.01
C TYR B 436 -20.67 -25.14 -0.66
N SER B 437 -21.25 -26.27 -0.30
CA SER B 437 -20.96 -26.85 1.00
C SER B 437 -19.50 -27.25 1.20
N ALA B 438 -18.84 -27.71 0.15
CA ALA B 438 -17.43 -28.10 0.26
C ALA B 438 -16.60 -26.91 0.76
N ALA B 439 -16.81 -25.74 0.17
CA ALA B 439 -16.07 -24.56 0.57
C ALA B 439 -16.38 -24.17 2.02
N ALA B 440 -17.66 -24.23 2.39
CA ALA B 440 -18.05 -23.88 3.75
C ALA B 440 -17.39 -24.81 4.76
N VAL B 441 -17.45 -26.11 4.54
CA VAL B 441 -16.87 -27.06 5.48
C VAL B 441 -15.33 -27.00 5.50
N ALA B 442 -14.72 -26.77 4.34
CA ALA B 442 -13.27 -26.68 4.26
C ALA B 442 -12.76 -25.38 4.86
N GLY B 443 -13.63 -24.38 4.95
CA GLY B 443 -13.24 -23.08 5.46
C GLY B 443 -12.55 -22.30 4.35
N TYR B 444 -12.84 -22.69 3.11
CA TYR B 444 -12.26 -22.09 1.92
C TYR B 444 -13.16 -21.01 1.32
N PRO B 445 -12.59 -20.10 0.52
CA PRO B 445 -13.38 -19.02 -0.08
C PRO B 445 -14.30 -19.45 -1.23
N SER B 446 -15.45 -18.79 -1.30
CA SER B 446 -16.44 -19.04 -2.35
C SER B 446 -17.04 -17.68 -2.70
N LEU B 447 -17.49 -17.54 -3.94
CA LEU B 447 -18.04 -16.27 -4.39
C LEU B 447 -19.06 -16.55 -5.48
N THR B 448 -20.26 -16.01 -5.35
CA THR B 448 -21.27 -16.21 -6.37
C THR B 448 -21.52 -14.89 -7.12
N VAL B 449 -21.71 -15.02 -8.43
CA VAL B 449 -21.96 -13.88 -9.30
C VAL B 449 -23.20 -14.17 -10.13
N PRO B 450 -24.07 -13.18 -10.34
CA PRO B 450 -25.28 -13.40 -11.13
C PRO B 450 -24.96 -13.97 -12.51
N MET B 451 -25.68 -15.03 -12.88
CA MET B 451 -25.46 -15.70 -14.15
C MET B 451 -26.64 -15.62 -15.11
N GLY B 452 -27.79 -15.19 -14.59
CA GLY B 452 -28.97 -15.09 -15.42
C GLY B 452 -30.21 -15.41 -14.61
N GLN B 453 -31.29 -15.77 -15.30
CA GLN B 453 -32.54 -16.09 -14.62
C GLN B 453 -33.26 -17.25 -15.28
N ILE B 454 -34.11 -17.92 -14.50
CA ILE B 454 -34.93 -19.02 -15.02
C ILE B 454 -36.34 -18.59 -14.63
N ASP B 455 -37.15 -18.29 -15.65
CA ASP B 455 -38.54 -17.86 -15.43
C ASP B 455 -38.65 -16.66 -14.49
N GLY B 456 -37.74 -15.70 -14.65
CA GLY B 456 -37.77 -14.51 -13.83
C GLY B 456 -37.06 -14.58 -12.47
N LEU B 457 -36.56 -15.75 -12.10
CA LEU B 457 -35.88 -15.92 -10.82
C LEU B 457 -34.37 -16.06 -11.01
N PRO B 458 -33.57 -15.29 -10.25
CA PRO B 458 -32.11 -15.31 -10.33
C PRO B 458 -31.40 -16.64 -10.09
N VAL B 459 -30.33 -16.87 -10.83
CA VAL B 459 -29.48 -18.04 -10.70
C VAL B 459 -28.06 -17.49 -10.69
N GLY B 460 -27.19 -18.06 -9.85
CA GLY B 460 -25.83 -17.56 -9.78
C GLY B 460 -24.77 -18.57 -10.14
N LEU B 461 -23.58 -18.07 -10.48
CA LEU B 461 -22.44 -18.91 -10.81
C LEU B 461 -21.51 -18.86 -9.60
N LEU B 462 -21.18 -20.02 -9.06
CA LEU B 462 -20.30 -20.09 -7.90
C LEU B 462 -18.86 -20.36 -8.28
N PHE B 463 -17.93 -19.64 -7.64
CA PHE B 463 -16.50 -19.82 -7.84
C PHE B 463 -15.96 -20.25 -6.47
N MET B 464 -15.18 -21.33 -6.42
CA MET B 464 -14.59 -21.79 -5.16
C MET B 464 -13.10 -21.99 -5.36
N GLY B 465 -12.30 -21.71 -4.35
CA GLY B 465 -10.86 -21.87 -4.48
C GLY B 465 -10.26 -22.38 -3.18
N THR B 466 -8.95 -22.56 -3.17
CA THR B 466 -8.28 -23.05 -1.97
C THR B 466 -8.12 -21.91 -0.95
N ALA B 467 -7.69 -22.25 0.25
CA ALA B 467 -7.50 -21.26 1.30
C ALA B 467 -6.69 -20.05 0.85
N TRP B 468 -7.18 -18.87 1.19
CA TRP B 468 -6.52 -17.59 0.91
C TRP B 468 -6.44 -17.20 -0.56
N SER B 469 -7.29 -17.79 -1.41
CA SER B 469 -7.26 -17.46 -2.82
C SER B 469 -8.24 -16.35 -3.21
N GLU B 470 -8.69 -15.57 -2.24
CA GLU B 470 -9.63 -14.47 -2.53
C GLU B 470 -9.16 -13.55 -3.66
N PRO B 471 -7.87 -13.19 -3.69
CA PRO B 471 -7.40 -12.31 -4.76
C PRO B 471 -7.67 -12.89 -6.15
N LYS B 472 -7.36 -14.16 -6.31
CA LYS B 472 -7.55 -14.85 -7.57
C LYS B 472 -9.03 -15.02 -7.93
N LEU B 473 -9.84 -15.36 -6.93
CA LEU B 473 -11.27 -15.54 -7.15
C LEU B 473 -11.93 -14.24 -7.57
N ILE B 474 -11.53 -13.13 -6.95
CA ILE B 474 -12.10 -11.84 -7.30
C ILE B 474 -11.75 -11.50 -8.74
N GLU B 475 -10.49 -11.74 -9.14
CA GLU B 475 -10.04 -11.46 -10.50
C GLU B 475 -10.90 -12.22 -11.51
N MET B 476 -11.08 -13.50 -11.28
CA MET B 476 -11.86 -14.33 -12.19
C MET B 476 -13.34 -13.96 -12.20
N ALA B 477 -13.91 -13.73 -11.02
CA ALA B 477 -15.33 -13.38 -10.92
C ALA B 477 -15.59 -12.03 -11.58
N TYR B 478 -14.70 -11.07 -11.37
CA TYR B 478 -14.84 -9.75 -11.97
C TYR B 478 -14.77 -9.84 -13.50
N ALA B 479 -13.81 -10.60 -14.00
CA ALA B 479 -13.65 -10.75 -15.44
C ALA B 479 -14.90 -11.35 -16.06
N TYR B 480 -15.48 -12.34 -15.37
CA TYR B 480 -16.70 -12.98 -15.85
C TYR B 480 -17.86 -11.99 -15.83
N GLU B 481 -18.00 -11.29 -14.70
CA GLU B 481 -19.07 -10.33 -14.52
C GLU B 481 -19.06 -9.22 -15.58
N GLN B 482 -17.87 -8.71 -15.87
CA GLN B 482 -17.72 -7.62 -16.82
C GLN B 482 -18.07 -7.93 -18.26
N ARG B 483 -18.03 -9.19 -18.66
CA ARG B 483 -18.40 -9.50 -20.03
C ARG B 483 -19.82 -10.06 -20.12
N THR B 484 -20.46 -10.27 -18.97
CA THR B 484 -21.81 -10.80 -18.96
C THR B 484 -22.85 -9.79 -18.44
N ARG B 485 -22.50 -9.10 -17.35
CA ARG B 485 -23.39 -8.10 -16.73
C ARG B 485 -24.82 -8.65 -16.69
N ALA B 486 -24.96 -9.86 -16.14
CA ALA B 486 -26.25 -10.54 -16.08
C ALA B 486 -27.25 -10.08 -15.03
N ARG B 487 -26.81 -9.36 -14.01
CA ARG B 487 -27.75 -8.93 -13.00
C ARG B 487 -28.84 -8.01 -13.57
N ARG B 488 -30.06 -8.28 -13.16
CA ARG B 488 -31.22 -7.49 -13.57
C ARG B 488 -31.95 -7.20 -12.27
N PRO B 489 -32.21 -5.93 -11.97
CA PRO B 489 -32.92 -5.59 -10.73
C PRO B 489 -34.34 -6.14 -10.70
N PRO B 490 -34.88 -6.35 -9.49
CA PRO B 490 -36.24 -6.87 -9.39
C PRO B 490 -37.23 -5.79 -9.82
N HIS B 491 -38.37 -6.19 -10.39
CA HIS B 491 -39.37 -5.22 -10.80
C HIS B 491 -40.46 -5.14 -9.76
N PHE B 492 -40.69 -3.94 -9.23
CA PHE B 492 -41.73 -3.76 -8.22
C PHE B 492 -43.01 -3.19 -8.82
N PHE C 1 8.81 14.56 -12.84
CA PHE C 1 7.70 15.55 -12.76
C PHE C 1 6.52 14.80 -13.44
NE CSI C 2 7.60 9.74 -9.97
CD2 CSI C 2 7.33 11.04 -9.63
CD1 CSI C 2 8.98 9.24 -10.06
NH CSI C 2 6.09 11.45 -9.30
CB CSI C 2 9.71 11.58 -9.70
CG1 CSI C 2 9.90 10.32 -10.58
NG2 CSI C 2 8.27 12.05 -9.63
N CSI C 2 10.14 13.27 -11.48
CA CSI C 2 10.59 12.78 -10.17
C CSI C 2 12.03 12.28 -10.22
O CSI C 2 12.54 11.87 -11.29
O3 CSI C 2 8.64 14.59 -10.59
C7 CSI C 2 9.18 14.16 -11.62
N LEU C 3 12.63 12.29 -9.06
CA LEU C 3 14.01 11.82 -8.77
C LEU C 3 15.10 12.11 -9.85
N PHA C 4 15.21 13.33 -10.42
CA PHA C 4 16.23 13.68 -11.48
C PHA C 4 17.65 13.40 -10.91
O PHA C 4 18.96 14.37 -10.99
CB PHA C 4 16.04 15.12 -11.94
CG PHA C 4 14.60 15.40 -12.32
CD1 PHA C 4 13.91 16.39 -11.60
CD2 PHA C 4 13.93 14.68 -13.39
CE1 PHA C 4 12.56 16.69 -11.92
CE2 PHA C 4 12.58 14.98 -13.71
CZ PHA C 4 11.90 15.99 -12.96
N PHE D 1 -28.71 -29.52 7.71
CA PHE D 1 -28.03 -30.84 7.52
C PHE D 1 -29.21 -31.85 7.60
NE CSI D 2 -32.53 -28.47 3.57
CD2 CSI D 2 -31.30 -29.05 3.47
CD1 CSI D 2 -32.71 -27.07 3.96
NH CSI D 2 -31.08 -30.23 2.87
CB CSI D 2 -30.28 -27.04 4.42
CG1 CSI D 2 -31.67 -26.68 4.99
NG2 CSI D 2 -30.15 -28.49 4.01
N CSI D 2 -29.18 -27.57 6.59
CA CSI D 2 -29.12 -26.70 5.41
C CSI D 2 -29.28 -25.22 5.79
O CSI D 2 -29.87 -24.89 6.84
O3 CSI D 2 -28.02 -29.15 5.60
C7 CSI D 2 -28.62 -28.76 6.62
N LEU D 3 -28.76 -24.40 4.92
CA LEU D 3 -28.79 -22.92 4.96
C LEU D 3 -28.62 -22.25 6.38
N PHA D 4 -27.65 -22.68 7.21
CA PHA D 4 -27.43 -22.10 8.60
C PHA D 4 -27.19 -20.55 8.45
O PHA D 4 -26.02 -19.68 9.18
CB PHA D 4 -26.29 -22.82 9.29
CG PHA D 4 -26.48 -24.33 9.25
CD1 PHA D 4 -25.49 -25.09 8.61
CD2 PHA D 4 -27.62 -24.96 9.86
CE1 PHA D 4 -25.60 -26.50 8.54
CE2 PHA D 4 -27.74 -26.39 9.79
CZ PHA D 4 -26.73 -27.14 9.13
#